data_7O9L
#
_entry.id   7O9L
#
_cell.length_a   141.050
_cell.length_b   141.050
_cell.length_c   95.480
_cell.angle_alpha   90.000
_cell.angle_beta   90.000
_cell.angle_gamma   90.000
#
_symmetry.space_group_name_H-M   'P 41 21 2'
#
loop_
_entity.id
_entity.type
_entity.pdbx_description
1 polymer DyPA
2 non-polymer 'PROTOPORPHYRIN IX CONTAINING FE'
3 non-polymer 1,2-ETHANEDIOL
4 non-polymer 'CYANIDE ION'
5 water water
#
_entity_poly.entity_id   1
_entity_poly.type   'polypeptide(L)'
_entity_poly.pdbx_seq_one_letter_code
;GPLGSMAQSTVLPMHCLYGIFLEGNLKIQKNDQEGLKKFKDNIKKFTLELDEIDKISPQSRIGGAICFSSDIWDTVTKKI
SKPKELKSVNTLSSYMPGTSQRDILIHIISDRMDTCFKLAQDTMRNFGEDQLDIKQEIHGFRRVEERDLTDFIDGTENPD
GDELRTQYGLVAAGQPNEFGSYVFTQRYVHNLKKWYPEPLSVQQDTVGRTKKDSIEIPRDKRPITSHVSRTDLSENGKDL
KIVRQSLPYGQITGEKGLMFIAYACSLHNIEKQLQSMFGQLDGKHDLLLKYTTPVTGSFYFAPSKKELLEL
;
_entity_poly.pdbx_strand_id   A,B
#
loop_
_chem_comp.id
_chem_comp.type
_chem_comp.name
_chem_comp.formula
CYN non-polymer 'CYANIDE ION' 'C N -1'
EDO non-polymer 1,2-ETHANEDIOL 'C2 H6 O2'
HEM non-polymer 'PROTOPORPHYRIN IX CONTAINING FE' 'C34 H32 Fe N4 O4'
#
# COMPACT_ATOMS: atom_id res chain seq x y z
N MET A 6 -23.95 17.22 12.30
CA MET A 6 -22.65 16.56 12.18
C MET A 6 -22.39 16.08 10.75
N ALA A 7 -21.16 16.29 10.31
CA ALA A 7 -20.70 15.87 9.01
C ALA A 7 -20.21 14.43 9.07
N GLN A 8 -20.00 13.84 7.89
CA GLN A 8 -19.20 12.64 7.82
C GLN A 8 -17.74 12.98 8.16
N SER A 9 -16.93 11.97 8.43
CA SER A 9 -15.73 12.21 9.23
C SER A 9 -14.42 12.29 8.43
N THR A 10 -14.46 12.70 7.16
CA THR A 10 -13.25 12.85 6.37
C THR A 10 -12.87 14.30 6.08
N VAL A 11 -13.70 15.27 6.46
CA VAL A 11 -13.42 16.65 6.08
C VAL A 11 -12.60 17.36 7.15
N LEU A 12 -13.08 17.34 8.39
CA LEU A 12 -12.44 18.14 9.43
C LEU A 12 -11.07 17.62 9.90
N PRO A 13 -10.85 16.32 10.05
CA PRO A 13 -9.54 15.87 10.57
C PRO A 13 -8.41 16.09 9.57
N MET A 14 -7.23 16.36 10.12
CA MET A 14 -6.06 16.68 9.32
C MET A 14 -4.97 15.62 9.48
N HIS A 15 -4.08 15.58 8.48
CA HIS A 15 -2.80 14.87 8.55
C HIS A 15 -2.94 13.35 8.67
N CYS A 16 -3.99 12.77 8.07
CA CYS A 16 -4.08 11.31 8.03
C CYS A 16 -2.85 10.71 7.37
N LEU A 17 -2.47 9.50 7.82
CA LEU A 17 -1.28 8.84 7.26
C LEU A 17 -1.63 7.87 6.13
N TYR A 18 -2.89 7.41 6.08
CA TYR A 18 -3.34 6.44 5.09
C TYR A 18 -4.71 6.83 4.59
N GLY A 19 -4.98 6.50 3.34
CA GLY A 19 -6.33 6.67 2.82
C GLY A 19 -6.62 5.60 1.80
N ILE A 20 -7.83 5.05 1.82
CA ILE A 20 -8.23 4.11 0.78
C ILE A 20 -9.38 4.76 0.01
N PHE A 21 -9.29 4.71 -1.31
CA PHE A 21 -10.27 5.33 -2.20
C PHE A 21 -10.90 4.24 -3.06
N LEU A 22 -12.23 4.09 -2.96
CA LEU A 22 -12.97 3.12 -3.74
C LEU A 22 -14.01 3.87 -4.54
N GLU A 23 -13.91 3.83 -5.86
CA GLU A 23 -14.87 4.50 -6.74
C GLU A 23 -15.50 3.48 -7.69
N GLY A 24 -16.81 3.58 -7.87
CA GLY A 24 -17.43 2.65 -8.80
C GLY A 24 -18.91 2.93 -8.96
N ASN A 25 -19.60 1.95 -9.55
CA ASN A 25 -20.95 2.14 -10.04
C ASN A 25 -21.93 1.27 -9.28
N LEU A 26 -23.14 1.80 -9.10
CA LEU A 26 -24.18 1.09 -8.38
C LEU A 26 -24.88 0.13 -9.33
N LYS A 27 -25.01 -1.13 -8.92
CA LYS A 27 -25.63 -2.16 -9.75
C LYS A 27 -27.09 -2.39 -9.39
N ILE A 28 -27.72 -1.46 -8.70
CA ILE A 28 -29.10 -1.60 -8.25
C ILE A 28 -29.97 -0.69 -9.10
N GLN A 29 -31.02 -1.25 -9.70
CA GLN A 29 -31.93 -0.48 -10.52
C GLN A 29 -32.82 0.41 -9.67
N LYS A 30 -33.25 1.54 -10.24
CA LYS A 30 -34.13 2.45 -9.53
C LYS A 30 -35.44 1.79 -9.10
N ASN A 31 -35.85 0.71 -9.76
CA ASN A 31 -37.09 0.00 -9.46
C ASN A 31 -36.91 -1.13 -8.44
N ASP A 32 -35.72 -1.31 -7.87
CA ASP A 32 -35.45 -2.44 -6.99
C ASP A 32 -35.52 -1.94 -5.53
N GLN A 33 -36.72 -1.97 -4.95
CA GLN A 33 -36.87 -1.44 -3.60
C GLN A 33 -36.21 -2.36 -2.56
N GLU A 34 -36.27 -3.67 -2.78
CA GLU A 34 -35.61 -4.60 -1.87
C GLU A 34 -34.10 -4.42 -1.93
N GLY A 35 -33.55 -4.25 -3.14
CA GLY A 35 -32.12 -4.04 -3.27
C GLY A 35 -31.69 -2.70 -2.69
N LEU A 36 -32.50 -1.66 -2.89
CA LEU A 36 -32.17 -0.36 -2.34
C LEU A 36 -32.27 -0.36 -0.82
N LYS A 37 -33.21 -1.10 -0.25
CA LYS A 37 -33.25 -1.19 1.21
C LYS A 37 -32.02 -1.92 1.75
N LYS A 38 -31.57 -2.97 1.06
CA LYS A 38 -30.33 -3.65 1.48
C LYS A 38 -29.14 -2.73 1.37
N PHE A 39 -29.06 -1.98 0.28
CA PHE A 39 -27.99 -1.00 0.07
C PHE A 39 -27.94 0.00 1.22
N LYS A 40 -29.10 0.50 1.65
CA LYS A 40 -29.12 1.47 2.74
C LYS A 40 -28.82 0.84 4.09
N ASP A 41 -29.15 -0.45 4.27
CA ASP A 41 -28.72 -1.13 5.49
C ASP A 41 -27.20 -1.26 5.54
N ASN A 42 -26.56 -1.46 4.38
CA ASN A 42 -25.10 -1.52 4.33
C ASN A 42 -24.48 -0.16 4.63
N ILE A 43 -25.12 0.93 4.20
CA ILE A 43 -24.66 2.26 4.57
C ILE A 43 -24.70 2.43 6.08
N LYS A 44 -25.78 1.97 6.71
CA LYS A 44 -25.90 2.01 8.16
C LYS A 44 -24.77 1.21 8.81
N LYS A 45 -24.50 0.02 8.30
CA LYS A 45 -23.41 -0.80 8.85
C LYS A 45 -22.09 -0.07 8.77
N PHE A 46 -21.85 0.66 7.68
CA PHE A 46 -20.62 1.44 7.52
C PHE A 46 -20.47 2.45 8.65
N THR A 47 -21.51 3.23 8.93
CA THR A 47 -21.43 4.24 9.98
C THR A 47 -21.28 3.62 11.35
N LEU A 48 -21.90 2.44 11.58
CA LEU A 48 -21.75 1.79 12.88
C LEU A 48 -20.34 1.25 13.06
N GLU A 49 -19.75 0.70 12.00
CA GLU A 49 -18.40 0.17 12.12
C GLU A 49 -17.37 1.29 12.31
N LEU A 50 -17.57 2.44 11.65
CA LEU A 50 -16.70 3.60 11.89
C LEU A 50 -16.69 3.96 13.37
N ASP A 51 -17.89 4.07 13.97
CA ASP A 51 -17.96 4.41 15.39
C ASP A 51 -17.30 3.35 16.25
N GLU A 52 -17.45 2.09 15.88
CA GLU A 52 -16.88 1.01 16.69
C GLU A 52 -15.35 1.01 16.61
N ILE A 53 -14.79 1.20 15.41
CA ILE A 53 -13.34 1.28 15.28
C ILE A 53 -12.80 2.47 16.06
N ASP A 54 -13.51 3.59 16.03
CA ASP A 54 -13.04 4.78 16.75
C ASP A 54 -12.94 4.52 18.25
N LYS A 55 -13.88 3.75 18.82
CA LYS A 55 -13.83 3.46 20.25
C LYS A 55 -12.75 2.43 20.59
N ILE A 56 -12.49 1.51 19.67
CA ILE A 56 -11.54 0.43 19.93
C ILE A 56 -10.11 0.88 19.65
N SER A 57 -9.92 1.74 18.64
CA SER A 57 -8.60 2.14 18.20
C SER A 57 -8.58 3.65 18.06
N PRO A 58 -8.68 4.37 19.18
CA PRO A 58 -8.62 5.84 19.11
C PRO A 58 -7.37 6.36 18.42
N GLN A 59 -6.27 5.63 18.53
CA GLN A 59 -5.02 6.06 17.89
C GLN A 59 -5.11 6.00 16.38
N SER A 60 -6.09 5.28 15.81
CA SER A 60 -6.26 5.30 14.37
C SER A 60 -6.74 6.65 13.83
N ARG A 61 -7.39 7.47 14.66
CA ARG A 61 -8.10 8.66 14.18
C ARG A 61 -8.89 8.35 12.90
N ILE A 62 -9.69 7.28 12.95
CA ILE A 62 -10.36 6.79 11.75
C ILE A 62 -11.40 7.79 11.25
N GLY A 63 -11.60 7.84 9.94
CA GLY A 63 -12.66 8.63 9.34
C GLY A 63 -13.15 7.97 8.08
N GLY A 64 -14.39 8.31 7.68
CA GLY A 64 -14.92 7.67 6.49
C GLY A 64 -16.08 8.46 5.93
N ALA A 65 -16.26 8.38 4.61
CA ALA A 65 -17.41 9.02 3.99
C ALA A 65 -17.87 8.21 2.79
N ILE A 66 -19.19 8.17 2.59
CA ILE A 66 -19.82 7.66 1.37
C ILE A 66 -20.40 8.85 0.62
N CYS A 67 -20.10 8.94 -0.69
CA CYS A 67 -20.44 10.11 -1.50
C CYS A 67 -21.12 9.66 -2.79
N PHE A 68 -22.00 10.51 -3.32
CA PHE A 68 -22.90 10.13 -4.40
C PHE A 68 -22.82 11.12 -5.55
N SER A 69 -22.91 10.61 -6.78
CA SER A 69 -22.85 11.45 -7.97
C SER A 69 -24.23 12.05 -8.27
N SER A 70 -24.23 13.07 -9.12
CA SER A 70 -25.51 13.63 -9.58
C SER A 70 -26.32 12.59 -10.37
N ASP A 71 -25.64 11.76 -11.17
CA ASP A 71 -26.36 10.77 -11.98
C ASP A 71 -27.12 9.77 -11.11
N ILE A 72 -26.54 9.35 -9.99
CA ILE A 72 -27.15 8.29 -9.18
C ILE A 72 -28.09 8.84 -8.11
N TRP A 73 -28.13 10.16 -7.90
CA TRP A 73 -28.80 10.71 -6.73
C TRP A 73 -30.27 10.29 -6.66
N ASP A 74 -30.98 10.43 -7.77
CA ASP A 74 -32.41 10.10 -7.78
C ASP A 74 -32.67 8.60 -7.70
N THR A 75 -31.70 7.77 -8.05
CA THR A 75 -31.83 6.34 -7.82
C THR A 75 -31.78 6.01 -6.34
N VAL A 76 -30.90 6.67 -5.59
CA VAL A 76 -30.73 6.29 -4.18
C VAL A 76 -31.69 7.00 -3.24
N THR A 77 -32.27 8.14 -3.63
CA THR A 77 -33.19 8.77 -2.70
C THR A 77 -34.33 9.47 -3.42
N LYS A 78 -35.53 9.38 -2.84
CA LYS A 78 -36.65 10.20 -3.23
C LYS A 78 -36.97 11.28 -2.21
N LYS A 79 -36.20 11.36 -1.12
CA LYS A 79 -36.53 12.22 0.01
C LYS A 79 -35.61 13.42 0.18
N ILE A 80 -34.32 13.28 -0.11
CA ILE A 80 -33.36 14.36 0.06
C ILE A 80 -33.19 15.08 -1.27
N SER A 81 -33.32 16.40 -1.26
CA SER A 81 -33.19 17.15 -2.50
C SER A 81 -31.74 17.11 -2.98
N LYS A 82 -31.59 17.09 -4.30
CA LYS A 82 -30.27 17.02 -4.90
C LYS A 82 -29.50 18.32 -4.65
N PRO A 83 -28.22 18.24 -4.28
CA PRO A 83 -27.45 19.46 -4.03
C PRO A 83 -27.42 20.35 -5.26
N LYS A 84 -27.53 21.66 -5.02
CA LYS A 84 -27.88 22.60 -6.08
C LYS A 84 -26.79 22.67 -7.17
N GLU A 85 -25.53 22.41 -6.82
CA GLU A 85 -24.45 22.54 -7.79
C GLU A 85 -23.97 21.21 -8.34
N LEU A 86 -24.47 20.09 -7.84
CA LEU A 86 -23.90 18.81 -8.21
C LEU A 86 -24.16 18.49 -9.67
N LYS A 87 -23.12 18.06 -10.38
CA LYS A 87 -23.22 17.69 -11.78
C LYS A 87 -22.13 16.68 -12.08
N SER A 88 -22.17 16.09 -13.27
CA SER A 88 -21.15 15.12 -13.65
C SER A 88 -19.86 15.82 -14.08
N VAL A 89 -18.72 15.26 -13.65
CA VAL A 89 -17.44 15.84 -14.07
C VAL A 89 -17.20 15.63 -15.55
N ASN A 90 -17.94 14.69 -16.18
CA ASN A 90 -17.75 14.46 -17.61
C ASN A 90 -18.10 15.70 -18.44
N THR A 91 -18.82 16.65 -17.87
CA THR A 91 -19.07 17.90 -18.56
C THR A 91 -17.82 18.75 -18.75
N LEU A 92 -16.71 18.42 -18.07
CA LEU A 92 -15.45 19.13 -18.25
C LEU A 92 -14.53 18.46 -19.27
N SER A 93 -15.01 17.41 -19.93
CA SER A 93 -14.14 16.59 -20.78
C SER A 93 -13.65 17.34 -22.01
N SER A 94 -14.30 18.45 -22.38
CA SER A 94 -13.80 19.21 -23.52
C SER A 94 -12.45 19.86 -23.24
N TYR A 95 -12.07 20.06 -21.98
CA TYR A 95 -10.81 20.72 -21.68
C TYR A 95 -9.97 20.05 -20.61
N MET A 96 -10.51 19.14 -19.82
CA MET A 96 -9.75 18.46 -18.77
C MET A 96 -9.66 16.98 -19.10
N PRO A 97 -8.47 16.43 -19.27
CA PRO A 97 -8.35 15.00 -19.58
C PRO A 97 -8.67 14.13 -18.36
N GLY A 98 -8.94 12.87 -18.66
CA GLY A 98 -9.08 11.87 -17.62
C GLY A 98 -10.41 11.81 -16.91
N THR A 99 -11.45 12.51 -17.38
CA THR A 99 -12.72 12.45 -16.65
C THR A 99 -13.30 11.04 -16.72
N SER A 100 -13.86 10.58 -15.60
CA SER A 100 -14.41 9.23 -15.52
C SER A 100 -15.48 9.13 -14.44
N GLN A 101 -16.55 9.91 -14.60
CA GLN A 101 -17.55 10.02 -13.53
C GLN A 101 -18.10 8.66 -13.13
N ARG A 102 -18.01 8.35 -11.84
CA ARG A 102 -18.60 7.14 -11.25
C ARG A 102 -19.78 7.51 -10.34
N ASP A 103 -20.54 6.49 -9.95
CA ASP A 103 -21.74 6.72 -9.13
C ASP A 103 -21.38 7.01 -7.67
N ILE A 104 -20.38 6.30 -7.13
CA ILE A 104 -20.19 6.20 -5.68
C ILE A 104 -18.71 6.34 -5.35
N LEU A 105 -18.42 7.10 -4.29
CA LEU A 105 -17.09 7.15 -3.70
C LEU A 105 -17.17 6.74 -2.24
N ILE A 106 -16.28 5.82 -1.83
CA ILE A 106 -16.04 5.52 -0.43
C ILE A 106 -14.60 5.93 -0.14
N HIS A 107 -14.44 6.86 0.80
CA HIS A 107 -13.14 7.41 1.18
C HIS A 107 -12.95 7.11 2.66
N ILE A 108 -11.88 6.41 3.01
CA ILE A 108 -11.59 6.04 4.39
C ILE A 108 -10.18 6.51 4.71
N ILE A 109 -10.01 7.13 5.88
CA ILE A 109 -8.71 7.67 6.28
C ILE A 109 -8.36 7.13 7.66
N SER A 110 -7.06 7.00 7.90
CA SER A 110 -6.62 6.43 9.17
C SER A 110 -5.16 6.78 9.38
N ASP A 111 -4.73 6.73 10.64
CA ASP A 111 -3.29 6.76 10.93
C ASP A 111 -2.68 5.35 10.97
N ARG A 112 -3.46 4.30 10.71
CA ARG A 112 -2.91 2.94 10.65
C ARG A 112 -3.50 2.26 9.42
N MET A 113 -2.65 1.60 8.62
CA MET A 113 -3.21 0.89 7.48
C MET A 113 -4.09 -0.28 7.91
N ASP A 114 -3.79 -0.93 9.04
CA ASP A 114 -4.59 -2.13 9.36
C ASP A 114 -6.05 -1.77 9.60
N THR A 115 -6.33 -0.64 10.28
CA THR A 115 -7.74 -0.31 10.49
C THR A 115 -8.38 0.34 9.27
N CYS A 116 -7.59 1.08 8.48
CA CYS A 116 -8.06 1.59 7.20
C CYS A 116 -8.53 0.44 6.32
N PHE A 117 -7.69 -0.58 6.19
CA PHE A 117 -8.00 -1.71 5.34
C PHE A 117 -9.17 -2.52 5.91
N LYS A 118 -9.22 -2.70 7.23
CA LYS A 118 -10.30 -3.50 7.82
C LYS A 118 -11.66 -2.88 7.53
N LEU A 119 -11.77 -1.55 7.71
CA LEU A 119 -13.05 -0.91 7.41
C LEU A 119 -13.35 -0.97 5.91
N ALA A 120 -12.36 -0.74 5.05
CA ALA A 120 -12.61 -0.80 3.61
C ALA A 120 -13.01 -2.21 3.19
N GLN A 121 -12.32 -3.23 3.70
CA GLN A 121 -12.63 -4.59 3.28
C GLN A 121 -13.99 -5.05 3.82
N ASP A 122 -14.27 -4.79 5.11
CA ASP A 122 -15.56 -5.16 5.66
C ASP A 122 -16.70 -4.49 4.92
N THR A 123 -16.51 -3.22 4.55
CA THR A 123 -17.54 -2.48 3.85
C THR A 123 -17.79 -3.08 2.45
N MET A 124 -16.71 -3.38 1.72
CA MET A 124 -16.88 -3.96 0.39
C MET A 124 -17.51 -5.35 0.47
N ARG A 125 -17.19 -6.11 1.51
CA ARG A 125 -17.85 -7.41 1.65
C ARG A 125 -19.32 -7.26 2.03
N ASN A 126 -19.69 -6.21 2.75
CA ASN A 126 -21.11 -6.00 3.07
C ASN A 126 -21.89 -5.65 1.82
N PHE A 127 -21.43 -4.66 1.06
CA PHE A 127 -22.11 -4.27 -0.18
C PHE A 127 -22.05 -5.41 -1.20
N GLY A 128 -20.86 -5.95 -1.45
CA GLY A 128 -20.70 -7.08 -2.34
C GLY A 128 -20.66 -6.67 -3.80
N GLU A 129 -20.21 -7.61 -4.64
CA GLU A 129 -20.19 -7.39 -6.07
C GLU A 129 -21.58 -7.37 -6.69
N ASP A 130 -22.61 -7.78 -5.95
CA ASP A 130 -23.96 -7.65 -6.46
C ASP A 130 -24.51 -6.24 -6.34
N GLN A 131 -23.91 -5.38 -5.54
CA GLN A 131 -24.37 -4.00 -5.39
C GLN A 131 -23.41 -2.96 -5.94
N LEU A 132 -22.11 -3.17 -5.83
CA LEU A 132 -21.10 -2.21 -6.28
C LEU A 132 -20.17 -2.85 -7.30
N ASP A 133 -19.92 -2.12 -8.39
CA ASP A 133 -18.92 -2.48 -9.39
C ASP A 133 -17.78 -1.47 -9.26
N ILE A 134 -16.71 -1.86 -8.57
CA ILE A 134 -15.64 -0.92 -8.25
C ILE A 134 -14.72 -0.77 -9.46
N LYS A 135 -14.50 0.49 -9.87
CA LYS A 135 -13.66 0.81 -11.02
C LYS A 135 -12.24 1.16 -10.64
N GLN A 136 -12.03 1.65 -9.42
CA GLN A 136 -10.71 2.07 -8.99
C GLN A 136 -10.62 1.89 -7.49
N GLU A 137 -9.52 1.29 -7.05
CA GLU A 137 -9.18 1.15 -5.64
C GLU A 137 -7.75 1.63 -5.46
N ILE A 138 -7.56 2.70 -4.70
CA ILE A 138 -6.25 3.31 -4.52
C ILE A 138 -5.90 3.26 -3.04
N HIS A 139 -4.69 2.81 -2.74
CA HIS A 139 -4.16 2.84 -1.38
C HIS A 139 -3.19 4.02 -1.29
N GLY A 140 -3.64 5.12 -0.69
CA GLY A 140 -2.77 6.28 -0.50
C GLY A 140 -2.03 6.21 0.83
N PHE A 141 -0.84 6.83 0.85
CA PHE A 141 -0.05 6.88 2.07
C PHE A 141 0.72 8.20 2.12
N ARG A 142 0.80 8.76 3.32
CA ARG A 142 1.60 9.96 3.53
C ARG A 142 3.08 9.60 3.49
N ARG A 143 3.88 10.48 2.88
CA ARG A 143 5.32 10.30 2.85
C ARG A 143 5.98 11.14 3.93
N VAL A 144 7.28 10.91 4.13
CA VAL A 144 8.03 11.69 5.11
C VAL A 144 7.91 13.19 4.81
N GLU A 145 7.70 13.98 5.87
CA GLU A 145 7.53 15.44 5.83
C GLU A 145 6.32 15.86 5.00
N GLU A 146 5.38 14.94 4.79
CA GLU A 146 4.14 15.20 4.04
C GLU A 146 4.42 15.74 2.64
N ARG A 147 5.47 15.24 2.02
CA ARG A 147 5.83 15.68 0.67
C ARG A 147 5.13 14.85 -0.40
N ASP A 148 4.58 15.56 -1.40
CA ASP A 148 4.18 14.94 -2.65
C ASP A 148 5.41 14.31 -3.30
N LEU A 149 5.18 13.41 -4.27
CA LEU A 149 6.32 12.80 -4.96
C LEU A 149 7.14 13.78 -5.80
N THR A 150 6.64 14.99 -6.08
CA THR A 150 7.53 16.05 -6.55
C THR A 150 8.54 16.47 -5.49
N ASP A 151 8.36 16.02 -4.24
CA ASP A 151 9.18 16.33 -3.08
C ASP A 151 9.00 17.75 -2.56
N PHE A 152 7.89 18.39 -2.96
CA PHE A 152 7.40 19.60 -2.28
C PHE A 152 6.39 19.21 -1.21
N ILE A 153 6.42 19.93 -0.09
CA ILE A 153 5.42 19.73 0.95
C ILE A 153 4.04 20.04 0.39
N ASP A 154 3.08 19.13 0.60
CA ASP A 154 1.70 19.33 0.17
C ASP A 154 0.82 19.60 1.40
N GLY A 155 0.18 20.77 1.44
CA GLY A 155 -0.75 21.07 2.53
C GLY A 155 -0.52 22.38 3.25
N THR A 156 0.54 23.11 2.90
CA THR A 156 0.91 24.33 3.64
C THR A 156 -0.26 25.30 3.79
N GLU A 157 -1.00 25.58 2.71
CA GLU A 157 -2.11 26.53 2.77
C GLU A 157 -3.48 25.85 2.84
N ASN A 158 -3.51 24.56 3.14
CA ASN A 158 -4.77 23.89 3.41
C ASN A 158 -5.40 24.51 4.65
N PRO A 159 -6.70 24.84 4.63
CA PRO A 159 -7.35 25.40 5.84
C PRO A 159 -7.08 24.53 7.06
N ASP A 160 -6.79 25.18 8.19
CA ASP A 160 -6.38 24.50 9.41
C ASP A 160 -7.44 24.65 10.49
N GLY A 161 -7.77 23.54 11.16
CA GLY A 161 -8.65 23.57 12.31
C GLY A 161 -10.13 23.48 11.94
N ASP A 162 -10.94 23.13 12.96
CA ASP A 162 -12.35 22.82 12.72
C ASP A 162 -13.13 24.02 12.18
N GLU A 163 -12.78 25.22 12.64
CA GLU A 163 -13.54 26.41 12.26
C GLU A 163 -13.39 26.71 10.78
N LEU A 164 -12.15 26.77 10.30
CA LEU A 164 -11.92 27.08 8.89
C LEU A 164 -12.34 25.92 8.00
N ARG A 165 -12.11 24.68 8.44
CA ARG A 165 -12.46 23.57 7.57
C ARG A 165 -13.97 23.38 7.51
N THR A 166 -14.70 23.77 8.57
CA THR A 166 -16.16 23.83 8.47
C THR A 166 -16.59 24.92 7.49
N GLN A 167 -15.98 26.10 7.58
CA GLN A 167 -16.38 27.22 6.74
C GLN A 167 -16.18 26.90 5.26
N TYR A 168 -15.03 26.35 4.91
CA TYR A 168 -14.71 26.12 3.51
C TYR A 168 -15.02 24.71 3.02
N GLY A 169 -15.16 23.75 3.94
CA GLY A 169 -15.32 22.38 3.52
C GLY A 169 -16.75 21.85 3.58
N LEU A 170 -17.64 22.52 4.32
CA LEU A 170 -18.98 22.01 4.58
C LEU A 170 -20.04 23.04 4.18
N VAL A 171 -21.17 22.55 3.65
CA VAL A 171 -22.29 23.43 3.33
C VAL A 171 -22.77 24.13 4.60
N ALA A 172 -23.03 25.43 4.49
CA ALA A 172 -23.32 26.25 5.65
C ALA A 172 -24.61 25.83 6.34
N ALA A 173 -24.61 25.96 7.67
CA ALA A 173 -25.83 25.71 8.44
C ALA A 173 -26.97 26.57 7.91
N GLY A 174 -28.16 26.00 7.86
CA GLY A 174 -29.34 26.69 7.36
C GLY A 174 -29.53 26.59 5.86
N GLN A 175 -28.55 26.10 5.12
CA GLN A 175 -28.72 25.90 3.69
C GLN A 175 -29.26 24.50 3.42
N PRO A 176 -29.87 24.27 2.26
CA PRO A 176 -30.19 22.90 1.86
C PRO A 176 -28.93 22.04 1.91
N ASN A 177 -29.08 20.81 2.43
CA ASN A 177 -27.98 19.84 2.55
C ASN A 177 -26.85 20.33 3.45
N GLU A 178 -27.19 21.18 4.43
CA GLU A 178 -26.21 21.67 5.41
C GLU A 178 -25.36 20.53 5.96
N PHE A 179 -24.07 20.81 6.11
CA PHE A 179 -23.05 19.92 6.68
C PHE A 179 -22.71 18.74 5.80
N GLY A 180 -23.22 18.71 4.56
CA GLY A 180 -22.62 17.90 3.52
C GLY A 180 -21.46 18.62 2.88
N SER A 181 -20.85 17.95 1.89
CA SER A 181 -19.67 18.51 1.24
C SER A 181 -19.65 18.10 -0.23
N TYR A 182 -19.32 19.03 -1.13
CA TYR A 182 -18.98 18.65 -2.49
C TYR A 182 -17.59 18.05 -2.53
N VAL A 183 -17.41 17.01 -3.35
CA VAL A 183 -16.17 16.24 -3.41
C VAL A 183 -15.70 16.15 -4.86
N PHE A 184 -14.38 16.26 -5.07
CA PHE A 184 -13.77 16.02 -6.36
C PHE A 184 -12.57 15.09 -6.15
N THR A 185 -12.52 14.00 -6.91
CA THR A 185 -11.39 13.09 -6.91
C THR A 185 -10.74 13.09 -8.28
N GLN A 186 -9.42 12.93 -8.30
CA GLN A 186 -8.69 12.97 -9.57
C GLN A 186 -7.35 12.30 -9.36
N ARG A 187 -7.11 11.17 -10.04
CA ARG A 187 -5.82 10.48 -9.89
C ARG A 187 -4.81 11.01 -10.90
N TYR A 188 -3.65 11.44 -10.41
CA TYR A 188 -2.56 11.95 -11.25
C TYR A 188 -1.46 10.90 -11.37
N VAL A 189 -0.90 10.78 -12.57
CA VAL A 189 0.30 9.97 -12.79
C VAL A 189 1.47 10.90 -13.05
N HIS A 190 2.46 10.88 -12.17
CA HIS A 190 3.64 11.75 -12.28
C HIS A 190 4.65 11.19 -13.27
N ASN A 191 5.35 12.10 -13.95
CA ASN A 191 6.49 11.75 -14.79
C ASN A 191 7.75 12.30 -14.10
N LEU A 192 8.24 11.54 -13.12
CA LEU A 192 9.36 12.04 -12.33
C LEU A 192 10.66 12.07 -13.13
N LYS A 193 10.76 11.31 -14.21
CA LYS A 193 11.95 11.40 -15.04
C LYS A 193 12.04 12.75 -15.74
N LYS A 194 10.90 13.40 -16.01
CA LYS A 194 10.91 14.76 -16.53
C LYS A 194 11.18 15.80 -15.46
N TRP A 195 10.78 15.51 -14.22
CA TRP A 195 10.80 16.47 -13.12
C TRP A 195 12.15 16.51 -12.40
N TYR A 196 12.67 15.36 -12.01
CA TYR A 196 13.94 15.30 -11.28
C TYR A 196 15.08 16.09 -11.91
N PRO A 197 15.31 16.07 -13.24
CA PRO A 197 16.42 16.84 -13.79
C PRO A 197 16.21 18.35 -13.83
N GLU A 198 15.00 18.86 -13.59
CA GLU A 198 14.82 20.31 -13.59
C GLU A 198 15.59 20.92 -12.42
N PRO A 199 16.25 22.05 -12.63
CA PRO A 199 16.93 22.72 -11.50
C PRO A 199 15.93 23.23 -10.49
N LEU A 200 16.42 23.47 -9.27
CA LEU A 200 15.57 23.96 -8.19
C LEU A 200 14.83 25.22 -8.60
N SER A 201 15.50 26.13 -9.31
CA SER A 201 14.84 27.36 -9.74
C SER A 201 13.61 27.06 -10.60
N VAL A 202 13.70 26.05 -11.47
CA VAL A 202 12.56 25.72 -12.32
C VAL A 202 11.46 25.04 -11.50
N GLN A 203 11.85 24.13 -10.60
CA GLN A 203 10.85 23.45 -9.78
C GLN A 203 10.10 24.42 -8.90
N GLN A 204 10.82 25.37 -8.29
CA GLN A 204 10.16 26.34 -7.40
C GLN A 204 9.29 27.31 -8.20
N ASP A 205 9.72 27.70 -9.40
CA ASP A 205 8.84 28.49 -10.27
C ASP A 205 7.57 27.73 -10.64
N THR A 206 7.70 26.42 -10.84
CA THR A 206 6.55 25.61 -11.24
C THR A 206 5.49 25.57 -10.14
N VAL A 207 5.92 25.35 -8.89
CA VAL A 207 4.98 25.21 -7.79
C VAL A 207 4.56 26.58 -7.27
N GLY A 208 5.52 27.48 -7.10
CA GLY A 208 5.29 28.80 -6.54
C GLY A 208 5.66 28.94 -5.08
N ARG A 209 6.30 27.94 -4.49
CA ARG A 209 6.82 27.98 -3.13
C ARG A 209 8.23 27.41 -3.14
N THR A 210 8.99 27.66 -2.07
CA THR A 210 10.32 27.08 -2.00
C THR A 210 10.22 25.60 -1.62
N LYS A 211 11.21 24.82 -2.06
CA LYS A 211 11.11 23.37 -1.90
C LYS A 211 11.36 22.93 -0.46
N LYS A 212 12.42 23.44 0.18
CA LYS A 212 12.78 22.89 1.48
C LYS A 212 11.75 23.26 2.55
N ASP A 213 11.35 24.53 2.61
CA ASP A 213 10.51 25.03 3.70
C ASP A 213 9.11 25.45 3.27
N SER A 214 8.79 25.37 1.99
CA SER A 214 7.46 25.73 1.49
C SER A 214 7.12 27.19 1.83
N ILE A 215 8.09 28.08 1.64
CA ILE A 215 7.87 29.51 1.78
C ILE A 215 7.30 30.05 0.48
N GLU A 216 6.23 30.83 0.57
CA GLU A 216 5.59 31.34 -0.64
C GLU A 216 6.52 32.30 -1.38
N ILE A 217 6.65 32.09 -2.68
CA ILE A 217 7.40 33.03 -3.52
C ILE A 217 6.48 34.19 -3.87
N PRO A 218 6.91 35.44 -3.71
CA PRO A 218 6.01 36.57 -3.94
C PRO A 218 5.32 36.49 -5.30
N ARG A 219 4.04 36.90 -5.33
CA ARG A 219 3.23 36.76 -6.53
C ARG A 219 3.87 37.46 -7.74
N ASP A 220 4.57 38.56 -7.52
CA ASP A 220 5.19 39.28 -8.64
C ASP A 220 6.54 38.71 -9.04
N LYS A 221 7.02 37.66 -8.37
CA LYS A 221 8.29 37.03 -8.75
C LYS A 221 8.11 35.59 -9.21
N ARG A 222 6.89 35.11 -9.35
CA ARG A 222 6.63 33.78 -9.87
C ARG A 222 5.72 33.87 -11.08
N PRO A 223 5.77 32.89 -11.97
CA PRO A 223 4.93 32.94 -13.17
C PRO A 223 3.45 32.88 -12.82
N ILE A 224 2.62 33.50 -13.67
CA ILE A 224 1.18 33.45 -13.49
C ILE A 224 0.66 32.03 -13.63
N THR A 225 1.44 31.15 -14.24
CA THR A 225 1.08 29.76 -14.43
C THR A 225 1.70 28.85 -13.37
N SER A 226 2.40 29.43 -12.39
CA SER A 226 2.79 28.63 -11.24
C SER A 226 1.55 28.05 -10.57
N HIS A 227 1.71 26.90 -9.93
CA HIS A 227 0.56 26.19 -9.39
C HIS A 227 -0.16 27.03 -8.35
N VAL A 228 0.58 27.71 -7.47
CA VAL A 228 -0.05 28.57 -6.47
C VAL A 228 -0.79 29.74 -7.13
N SER A 229 -0.21 30.33 -8.18
CA SER A 229 -0.95 31.41 -8.87
C SER A 229 -2.20 30.88 -9.56
N ARG A 230 -2.18 29.62 -10.03
CA ARG A 230 -3.38 29.05 -10.65
C ARG A 230 -4.50 28.76 -9.64
N THR A 231 -4.16 28.41 -8.40
CA THR A 231 -5.15 27.87 -7.47
C THR A 231 -5.51 28.80 -6.33
N ASP A 232 -4.71 29.82 -6.06
CA ASP A 232 -5.02 30.77 -4.99
C ASP A 232 -5.91 31.86 -5.58
N LEU A 233 -7.22 31.63 -5.54
CA LEU A 233 -8.17 32.47 -6.26
C LEU A 233 -9.16 33.13 -5.31
N SER A 234 -9.68 34.30 -5.70
CA SER A 234 -10.69 34.97 -4.91
C SER A 234 -11.71 35.63 -5.83
N GLU A 235 -12.91 35.82 -5.29
CA GLU A 235 -14.01 36.47 -6.03
C GLU A 235 -14.73 37.40 -5.07
N ASN A 236 -14.86 38.66 -5.45
CA ASN A 236 -15.55 39.66 -4.63
C ASN A 236 -14.97 39.71 -3.22
N GLY A 237 -13.64 39.65 -3.14
CA GLY A 237 -12.93 39.72 -1.87
C GLY A 237 -13.00 38.49 -1.01
N LYS A 238 -13.63 37.41 -1.47
CA LYS A 238 -13.70 36.16 -0.70
C LYS A 238 -12.88 35.08 -1.38
N ASP A 239 -12.04 34.39 -0.59
CA ASP A 239 -11.15 33.37 -1.13
C ASP A 239 -11.92 32.10 -1.47
N LEU A 240 -11.55 31.48 -2.60
CA LEU A 240 -12.18 30.23 -3.05
C LEU A 240 -11.42 29.02 -2.49
N LYS A 241 -11.39 28.93 -1.17
CA LYS A 241 -10.60 27.88 -0.55
C LYS A 241 -11.35 26.54 -0.56
N ILE A 242 -10.57 25.45 -0.47
CA ILE A 242 -11.09 24.09 -0.46
C ILE A 242 -10.30 23.32 0.57
N VAL A 243 -10.80 22.15 0.95
CA VAL A 243 -10.14 21.30 1.93
C VAL A 243 -9.61 20.07 1.21
N ARG A 244 -8.29 19.99 1.05
CA ARG A 244 -7.68 18.87 0.34
C ARG A 244 -7.31 17.75 1.30
N GLN A 245 -7.54 16.50 0.86
CA GLN A 245 -7.13 15.32 1.61
C GLN A 245 -6.28 14.39 0.75
N SER A 246 -5.59 14.95 -0.25
CA SER A 246 -4.85 14.17 -1.24
C SER A 246 -3.68 13.42 -0.61
N LEU A 247 -3.33 12.27 -1.21
CA LEU A 247 -2.20 11.47 -0.70
C LEU A 247 -1.43 10.87 -1.86
N PRO A 248 -0.11 10.75 -1.73
CA PRO A 248 0.67 9.97 -2.70
C PRO A 248 0.19 8.53 -2.79
N TYR A 249 0.48 7.88 -3.91
CA TYR A 249 0.20 6.45 -4.09
C TYR A 249 1.19 5.91 -5.12
N GLY A 250 1.32 4.57 -5.16
CA GLY A 250 1.89 3.90 -6.32
C GLY A 250 3.17 3.14 -6.02
N GLN A 251 3.78 2.66 -7.10
CA GLN A 251 4.99 1.83 -7.05
C GLN A 251 6.22 2.66 -7.41
N ILE A 252 7.29 2.48 -6.63
CA ILE A 252 8.57 3.16 -6.92
C ILE A 252 9.04 2.84 -8.33
N THR A 253 8.94 1.57 -8.73
CA THR A 253 9.42 1.10 -10.02
C THR A 253 8.32 1.05 -11.05
N GLY A 254 7.16 1.64 -10.78
CA GLY A 254 6.06 1.61 -11.71
C GLY A 254 5.28 2.91 -11.74
N GLU A 255 3.97 2.80 -11.89
CA GLU A 255 3.10 3.97 -11.95
C GLU A 255 2.91 4.55 -10.55
N LYS A 256 3.10 5.87 -10.42
CA LYS A 256 2.93 6.52 -9.13
C LYS A 256 2.48 7.96 -9.35
N GLY A 257 1.94 8.57 -8.31
CA GLY A 257 1.57 9.97 -8.40
C GLY A 257 0.83 10.48 -7.18
N LEU A 258 -0.19 11.28 -7.41
CA LEU A 258 -0.98 11.88 -6.33
C LEU A 258 -2.43 11.50 -6.52
N MET A 259 -3.04 10.94 -5.48
CA MET A 259 -4.49 10.73 -5.49
C MET A 259 -5.08 12.00 -4.92
N PHE A 260 -5.53 12.90 -5.80
CA PHE A 260 -6.06 14.18 -5.36
C PHE A 260 -7.51 14.02 -4.90
N ILE A 261 -7.84 14.65 -3.78
CA ILE A 261 -9.24 14.75 -3.37
C ILE A 261 -9.43 16.06 -2.63
N ALA A 262 -10.55 16.73 -2.91
CA ALA A 262 -10.90 17.96 -2.23
C ALA A 262 -12.36 17.93 -1.81
N TYR A 263 -12.62 18.55 -0.66
CA TYR A 263 -13.95 18.74 -0.12
C TYR A 263 -14.22 20.23 -0.08
N ALA A 264 -15.45 20.64 -0.44
CA ALA A 264 -15.72 22.07 -0.50
C ALA A 264 -17.17 22.35 -0.16
N CYS A 265 -17.37 23.52 0.46
CA CYS A 265 -18.73 23.99 0.75
C CYS A 265 -19.50 24.32 -0.52
N SER A 266 -18.80 24.55 -1.63
CA SER A 266 -19.45 24.89 -2.89
C SER A 266 -18.63 24.29 -4.02
N LEU A 267 -19.30 23.61 -4.96
CA LEU A 267 -18.57 23.01 -6.07
C LEU A 267 -17.86 24.06 -6.90
N HIS A 268 -18.41 25.28 -6.96
CA HIS A 268 -17.79 26.39 -7.67
C HIS A 268 -16.33 26.62 -7.25
N ASN A 269 -16.03 26.48 -5.95
CA ASN A 269 -14.65 26.72 -5.49
C ASN A 269 -13.67 25.76 -6.17
N ILE A 270 -14.10 24.52 -6.37
CA ILE A 270 -13.24 23.54 -7.03
C ILE A 270 -13.20 23.78 -8.53
N GLU A 271 -14.38 23.90 -9.14
CA GLU A 271 -14.44 23.99 -10.60
C GLU A 271 -13.73 25.22 -11.13
N LYS A 272 -13.78 26.35 -10.40
CA LYS A 272 -13.06 27.52 -10.88
C LYS A 272 -11.56 27.29 -10.88
N GLN A 273 -11.06 26.53 -9.90
CA GLN A 273 -9.64 26.21 -9.90
C GLN A 273 -9.29 25.28 -11.05
N LEU A 274 -10.17 24.33 -11.38
CA LEU A 274 -9.92 23.47 -12.54
C LEU A 274 -9.92 24.27 -13.84
N GLN A 275 -10.85 25.22 -13.99
CA GLN A 275 -10.82 26.07 -15.18
C GLN A 275 -9.50 26.81 -15.28
N SER A 276 -9.01 27.31 -14.14
CA SER A 276 -7.74 28.01 -14.10
C SER A 276 -6.59 27.10 -14.53
N MET A 277 -6.47 25.94 -13.88
CA MET A 277 -5.33 25.05 -14.12
C MET A 277 -5.30 24.55 -15.55
N PHE A 278 -6.47 24.30 -16.13
CA PHE A 278 -6.54 23.60 -17.42
C PHE A 278 -6.81 24.55 -18.58
N GLY A 279 -6.46 25.82 -18.42
CA GLY A 279 -6.39 26.77 -19.51
C GLY A 279 -7.68 27.45 -19.91
N GLN A 280 -8.77 27.23 -19.17
CA GLN A 280 -10.08 27.72 -19.59
C GLN A 280 -10.35 29.17 -19.23
N LEU A 281 -9.55 29.78 -18.36
CA LEU A 281 -9.76 31.17 -17.97
C LEU A 281 -8.90 32.16 -18.75
N ASP A 282 -7.65 31.81 -19.04
CA ASP A 282 -6.81 32.74 -19.78
C ASP A 282 -6.02 32.06 -20.89
N GLY A 283 -6.38 30.83 -21.26
CA GLY A 283 -5.69 30.11 -22.30
C GLY A 283 -4.38 29.47 -21.87
N LYS A 284 -3.99 29.59 -20.60
CA LYS A 284 -2.69 29.11 -20.13
C LYS A 284 -2.89 27.98 -19.12
N HIS A 285 -2.04 26.97 -19.21
CA HIS A 285 -2.13 25.82 -18.32
C HIS A 285 -1.18 25.97 -17.14
N ASP A 286 -1.54 25.32 -16.05
CA ASP A 286 -0.69 25.17 -14.88
C ASP A 286 0.65 24.53 -15.27
N LEU A 287 1.76 25.11 -14.78
CA LEU A 287 3.09 24.55 -15.08
C LEU A 287 3.25 23.13 -14.56
N LEU A 288 2.52 22.77 -13.49
CA LEU A 288 2.66 21.42 -12.95
C LEU A 288 2.24 20.38 -13.97
N LEU A 289 1.32 20.74 -14.87
CA LEU A 289 0.83 19.79 -15.86
C LEU A 289 1.87 19.42 -16.92
N LYS A 290 3.04 20.07 -16.95
CA LYS A 290 4.11 19.55 -17.78
C LYS A 290 4.70 18.26 -17.26
N TYR A 291 4.46 17.95 -15.98
CA TYR A 291 5.14 16.86 -15.30
C TYR A 291 4.19 15.80 -14.76
N THR A 292 2.88 16.01 -14.83
CA THR A 292 1.93 15.06 -14.28
C THR A 292 0.66 15.14 -15.11
N THR A 293 -0.11 14.05 -15.10
CA THR A 293 -1.31 13.94 -15.94
C THR A 293 -2.45 13.32 -15.15
N PRO A 294 -3.64 13.92 -15.16
CA PRO A 294 -4.81 13.27 -14.54
C PRO A 294 -5.34 12.16 -15.43
N VAL A 295 -5.70 11.03 -14.81
CA VAL A 295 -6.17 9.87 -15.57
C VAL A 295 -7.53 9.38 -15.09
N THR A 296 -8.04 9.92 -13.98
CA THR A 296 -9.41 9.70 -13.55
C THR A 296 -9.96 11.02 -13.05
N GLY A 297 -11.27 11.06 -12.82
CA GLY A 297 -11.93 12.25 -12.29
C GLY A 297 -13.40 12.01 -11.99
N SER A 298 -13.90 12.52 -10.87
CA SER A 298 -15.31 12.39 -10.53
C SER A 298 -15.72 13.49 -9.56
N PHE A 299 -16.96 13.96 -9.69
CA PHE A 299 -17.61 14.85 -8.74
C PHE A 299 -18.61 14.05 -7.92
N TYR A 300 -18.67 14.30 -6.62
CA TYR A 300 -19.67 13.70 -5.75
C TYR A 300 -20.16 14.69 -4.71
N PHE A 301 -21.18 14.27 -3.95
CA PHE A 301 -21.59 14.98 -2.74
C PHE A 301 -21.64 14.01 -1.57
N ALA A 302 -20.96 14.36 -0.48
CA ALA A 302 -21.00 13.59 0.75
C ALA A 302 -22.08 14.18 1.65
N PRO A 303 -23.22 13.52 1.84
CA PRO A 303 -24.27 14.12 2.67
C PRO A 303 -23.80 14.25 4.12
N SER A 304 -24.50 15.10 4.86
CA SER A 304 -24.36 15.08 6.31
C SER A 304 -24.67 13.68 6.84
N LYS A 305 -24.23 13.40 8.07
CA LYS A 305 -24.51 12.09 8.63
C LYS A 305 -26.01 11.83 8.72
N LYS A 306 -26.77 12.87 9.04
CA LYS A 306 -28.21 12.69 9.19
C LYS A 306 -28.88 12.45 7.83
N GLU A 307 -28.49 13.21 6.79
CA GLU A 307 -29.07 12.95 5.48
C GLU A 307 -28.58 11.64 4.89
N LEU A 308 -27.35 11.22 5.25
CA LEU A 308 -26.85 9.93 4.80
C LEU A 308 -27.75 8.79 5.29
N LEU A 309 -28.12 8.81 6.57
CA LEU A 309 -28.94 7.76 7.14
C LEU A 309 -30.41 7.91 6.78
N GLU A 310 -30.82 9.06 6.26
CA GLU A 310 -32.21 9.31 5.91
C GLU A 310 -32.48 9.24 4.40
N LEU A 311 -31.55 8.71 3.62
CA LEU A 311 -31.72 8.68 2.16
C LEU A 311 -33.03 8.01 1.74
N MET B 6 25.45 -8.06 14.00
CA MET B 6 26.31 -8.69 13.00
C MET B 6 25.50 -9.20 11.82
N ALA B 7 24.21 -9.48 12.01
CA ALA B 7 23.37 -9.88 10.90
C ALA B 7 22.72 -8.67 10.26
N GLN B 8 22.18 -8.86 9.05
CA GLN B 8 21.31 -7.83 8.53
C GLN B 8 20.02 -7.80 9.36
N SER B 9 19.22 -6.75 9.20
CA SER B 9 18.27 -6.39 10.26
C SER B 9 16.82 -6.77 9.95
N THR B 10 16.58 -7.80 9.14
CA THR B 10 15.23 -8.25 8.87
C THR B 10 14.89 -9.61 9.48
N VAL B 11 15.84 -10.30 10.12
CA VAL B 11 15.56 -11.65 10.64
C VAL B 11 15.06 -11.60 12.08
N LEU B 12 15.79 -10.95 12.97
CA LEU B 12 15.46 -10.98 14.40
C LEU B 12 14.22 -10.20 14.82
N PRO B 13 13.92 -9.01 14.27
CA PRO B 13 12.77 -8.24 14.78
C PRO B 13 11.45 -8.88 14.42
N MET B 14 10.49 -8.75 15.33
CA MET B 14 9.17 -9.36 15.13
C MET B 14 8.10 -8.31 14.91
N HIS B 15 7.01 -8.74 14.24
CA HIS B 15 5.75 -8.03 14.21
C HIS B 15 5.83 -6.70 13.47
N CYS B 16 6.64 -6.60 12.42
CA CYS B 16 6.63 -5.39 11.60
C CYS B 16 5.23 -5.18 11.03
N LEU B 17 4.88 -3.91 10.78
CA LEU B 17 3.57 -3.60 10.24
C LEU B 17 3.57 -3.38 8.73
N TYR B 18 4.74 -3.13 8.14
CA TYR B 18 4.86 -2.89 6.71
C TYR B 18 6.13 -3.58 6.21
N GLY B 19 6.10 -3.99 4.94
CA GLY B 19 7.27 -4.54 4.32
C GLY B 19 7.28 -4.23 2.83
N ILE B 20 8.43 -3.88 2.27
CA ILE B 20 8.52 -3.66 0.84
C ILE B 20 9.49 -4.70 0.29
N PHE B 21 9.09 -5.36 -0.79
CA PHE B 21 9.86 -6.45 -1.38
C PHE B 21 10.20 -6.04 -2.80
N LEU B 22 11.50 -5.97 -3.11
CA LEU B 22 11.97 -5.63 -4.45
C LEU B 22 12.84 -6.77 -4.93
N GLU B 23 12.46 -7.40 -6.05
CA GLU B 23 13.21 -8.54 -6.58
C GLU B 23 13.51 -8.28 -8.05
N GLY B 24 14.72 -8.61 -8.46
CA GLY B 24 15.06 -8.35 -9.85
C GLY B 24 16.46 -8.82 -10.17
N ASN B 25 16.92 -8.42 -11.35
CA ASN B 25 18.17 -8.92 -11.89
C ASN B 25 19.22 -7.81 -11.98
N LEU B 26 20.46 -8.22 -11.83
CA LEU B 26 21.61 -7.32 -11.88
C LEU B 26 22.02 -7.11 -13.33
N LYS B 27 22.07 -5.85 -13.76
CA LYS B 27 22.37 -5.55 -15.14
C LYS B 27 23.85 -5.31 -15.39
N ILE B 28 24.70 -5.43 -14.37
CA ILE B 28 26.14 -5.23 -14.47
C ILE B 28 26.79 -6.54 -14.89
N GLN B 29 27.76 -6.45 -15.81
CA GLN B 29 28.47 -7.61 -16.31
C GLN B 29 29.61 -8.00 -15.38
N LYS B 30 29.96 -9.29 -15.40
CA LYS B 30 30.96 -9.81 -14.48
C LYS B 30 32.33 -9.15 -14.67
N ASN B 31 32.64 -8.69 -15.87
CA ASN B 31 33.92 -8.08 -16.17
C ASN B 31 33.94 -6.57 -15.92
N ASP B 32 32.78 -5.96 -15.70
CA ASP B 32 32.64 -4.51 -15.61
C ASP B 32 33.00 -4.06 -14.19
N GLN B 33 34.30 -3.90 -13.96
CA GLN B 33 34.76 -3.61 -12.61
C GLN B 33 34.32 -2.22 -12.14
N GLU B 34 34.22 -1.23 -13.03
CA GLU B 34 33.76 0.08 -12.57
C GLU B 34 32.27 0.05 -12.24
N GLY B 35 31.48 -0.73 -12.98
CA GLY B 35 30.07 -0.85 -12.64
C GLY B 35 29.86 -1.59 -11.34
N LEU B 36 30.66 -2.63 -11.08
CA LEU B 36 30.56 -3.35 -9.83
C LEU B 36 31.00 -2.50 -8.65
N LYS B 37 31.97 -1.59 -8.85
CA LYS B 37 32.36 -0.72 -7.75
C LYS B 37 31.24 0.24 -7.40
N LYS B 38 30.53 0.78 -8.39
CA LYS B 38 29.40 1.64 -8.10
C LYS B 38 28.28 0.86 -7.42
N PHE B 39 28.05 -0.37 -7.87
CA PHE B 39 27.06 -1.24 -7.25
C PHE B 39 27.35 -1.44 -5.76
N LYS B 40 28.62 -1.71 -5.43
CA LYS B 40 28.99 -1.91 -4.04
C LYS B 40 28.92 -0.61 -3.24
N ASP B 41 29.17 0.54 -3.87
CA ASP B 41 28.95 1.78 -3.13
C ASP B 41 27.48 2.02 -2.85
N ASN B 42 26.60 1.61 -3.76
CA ASN B 42 25.18 1.73 -3.47
C ASN B 42 24.75 0.80 -2.34
N ILE B 43 25.41 -0.37 -2.23
CA ILE B 43 25.14 -1.23 -1.09
C ILE B 43 25.54 -0.54 0.21
N LYS B 44 26.71 0.12 0.23
CA LYS B 44 27.11 0.81 1.46
C LYS B 44 26.14 1.95 1.78
N LYS B 45 25.66 2.65 0.74
CA LYS B 45 24.68 3.72 0.95
C LYS B 45 23.42 3.19 1.61
N PHE B 46 22.99 1.99 1.21
CA PHE B 46 21.82 1.36 1.82
C PHE B 46 22.05 1.13 3.31
N THR B 47 23.19 0.53 3.68
CA THR B 47 23.42 0.26 5.09
C THR B 47 23.53 1.56 5.88
N LEU B 48 24.10 2.61 5.28
CA LEU B 48 24.22 3.87 5.99
C LEU B 48 22.87 4.54 6.17
N GLU B 49 22.01 4.48 5.15
CA GLU B 49 20.70 5.10 5.29
C GLU B 49 19.80 4.34 6.26
N LEU B 50 19.93 3.01 6.31
CA LEU B 50 19.25 2.23 7.35
C LEU B 50 19.59 2.76 8.72
N ASP B 51 20.89 2.94 8.99
CA ASP B 51 21.33 3.41 10.31
C ASP B 51 20.78 4.80 10.60
N GLU B 52 20.75 5.67 9.59
CA GLU B 52 20.29 7.04 9.81
C GLU B 52 18.80 7.08 10.11
N ILE B 53 18.01 6.31 9.37
CA ILE B 53 16.57 6.26 9.65
C ILE B 53 16.32 5.71 11.05
N ASP B 54 17.10 4.70 11.45
CA ASP B 54 16.91 4.11 12.78
C ASP B 54 17.14 5.14 13.88
N LYS B 55 18.07 6.07 13.67
CA LYS B 55 18.33 7.08 14.69
C LYS B 55 17.32 8.21 14.65
N ILE B 56 16.81 8.54 13.46
CA ILE B 56 15.85 9.62 13.30
C ILE B 56 14.46 9.18 13.70
N SER B 57 14.11 7.93 13.41
CA SER B 57 12.75 7.42 13.58
C SER B 57 12.81 6.10 14.33
N PRO B 58 13.17 6.13 15.61
CA PRO B 58 13.24 4.86 16.37
C PRO B 58 11.91 4.15 16.43
N GLN B 59 10.80 4.87 16.40
CA GLN B 59 9.49 4.23 16.42
C GLN B 59 9.22 3.41 15.17
N SER B 60 9.96 3.64 14.08
CA SER B 60 9.80 2.83 12.86
C SER B 60 10.28 1.41 13.04
N ARG B 61 11.19 1.16 13.99
CA ARG B 61 11.83 -0.15 14.11
C ARG B 61 12.28 -0.66 12.74
N ILE B 62 12.98 0.21 12.01
CA ILE B 62 13.32 -0.07 10.61
C ILE B 62 14.27 -1.27 10.51
N GLY B 63 14.13 -2.03 9.44
CA GLY B 63 15.06 -3.13 9.15
C GLY B 63 15.21 -3.27 7.66
N GLY B 64 16.33 -3.83 7.23
CA GLY B 64 16.58 -3.98 5.81
C GLY B 64 17.63 -5.04 5.53
N ALA B 65 17.49 -5.68 4.36
CA ALA B 65 18.47 -6.68 3.95
C ALA B 65 18.58 -6.70 2.43
N ILE B 66 19.80 -6.90 1.94
CA ILE B 66 20.05 -7.18 0.52
C ILE B 66 20.55 -8.61 0.42
N CYS B 67 19.98 -9.39 -0.51
CA CYS B 67 20.21 -10.83 -0.61
C CYS B 67 20.54 -11.20 -2.05
N PHE B 68 21.32 -12.26 -2.22
CA PHE B 68 21.91 -12.61 -3.52
C PHE B 68 21.65 -14.06 -3.88
N SER B 69 21.36 -14.33 -5.15
CA SER B 69 21.15 -15.70 -5.62
C SER B 69 22.48 -16.41 -5.86
N SER B 70 22.40 -17.73 -6.03
CA SER B 70 23.60 -18.51 -6.34
C SER B 70 24.13 -18.20 -7.75
N ASP B 71 23.26 -17.85 -8.69
CA ASP B 71 23.73 -17.57 -10.04
C ASP B 71 24.46 -16.23 -10.14
N ILE B 72 24.14 -15.28 -9.27
CA ILE B 72 24.83 -13.98 -9.32
C ILE B 72 26.01 -13.91 -8.38
N TRP B 73 26.17 -14.89 -7.48
CA TRP B 73 27.14 -14.78 -6.40
C TRP B 73 28.54 -14.48 -6.91
N ASP B 74 29.00 -15.24 -7.91
CA ASP B 74 30.36 -15.04 -8.40
C ASP B 74 30.50 -13.83 -9.32
N THR B 75 29.40 -13.19 -9.70
CA THR B 75 29.50 -11.90 -10.36
C THR B 75 29.79 -10.79 -9.35
N VAL B 76 29.15 -10.87 -8.18
CA VAL B 76 29.28 -9.80 -7.21
C VAL B 76 30.52 -9.94 -6.34
N THR B 77 31.08 -11.13 -6.19
CA THR B 77 32.25 -11.26 -5.32
C THR B 77 33.21 -12.33 -5.82
N LYS B 78 34.49 -12.07 -5.63
CA LYS B 78 35.54 -13.08 -5.71
C LYS B 78 36.20 -13.32 -4.36
N LYS B 79 35.74 -12.67 -3.30
CA LYS B 79 36.33 -12.76 -1.97
C LYS B 79 35.55 -13.65 -1.01
N ILE B 80 34.23 -13.55 -1.01
CA ILE B 80 33.40 -14.30 -0.07
C ILE B 80 32.98 -15.62 -0.71
N SER B 81 33.21 -16.72 -0.01
CA SER B 81 32.85 -18.02 -0.53
C SER B 81 31.34 -18.18 -0.59
N LYS B 82 30.89 -18.91 -1.58
CA LYS B 82 29.46 -19.10 -1.80
C LYS B 82 28.87 -19.98 -0.69
N PRO B 83 27.71 -19.60 -0.15
CA PRO B 83 27.06 -20.45 0.85
C PRO B 83 26.82 -21.86 0.35
N LYS B 84 27.05 -22.84 1.24
CA LYS B 84 27.21 -24.23 0.83
C LYS B 84 25.95 -24.81 0.23
N GLU B 85 24.78 -24.37 0.67
CA GLU B 85 23.52 -24.92 0.20
C GLU B 85 22.86 -24.10 -0.90
N LEU B 86 23.39 -22.93 -1.21
CA LEU B 86 22.68 -22.01 -2.09
C LEU B 86 22.57 -22.59 -3.50
N LYS B 87 21.36 -22.57 -4.03
CA LYS B 87 21.08 -23.01 -5.40
C LYS B 87 19.90 -22.23 -5.94
N SER B 88 19.63 -22.40 -7.23
CA SER B 88 18.46 -21.76 -7.86
C SER B 88 17.18 -22.49 -7.47
N VAL B 89 16.14 -21.72 -7.17
CA VAL B 89 14.84 -22.34 -6.90
C VAL B 89 14.24 -22.96 -8.16
N ASN B 90 14.75 -22.60 -9.34
CA ASN B 90 14.20 -23.18 -10.56
C ASN B 90 14.46 -24.68 -10.64
N THR B 91 15.39 -25.20 -9.84
CA THR B 91 15.57 -26.64 -9.76
C THR B 91 14.38 -27.34 -9.13
N LEU B 92 13.43 -26.59 -8.58
CA LEU B 92 12.21 -27.16 -8.01
C LEU B 92 11.04 -27.14 -8.99
N SER B 93 11.25 -26.60 -10.19
CA SER B 93 10.14 -26.34 -11.12
C SER B 93 9.44 -27.60 -11.60
N SER B 94 10.06 -28.77 -11.44
CA SER B 94 9.40 -30.01 -11.84
C SER B 94 8.21 -30.35 -10.95
N TYR B 95 8.15 -29.80 -9.73
CA TYR B 95 7.05 -30.11 -8.83
C TYR B 95 6.43 -28.90 -8.15
N MET B 96 7.06 -27.73 -8.18
CA MET B 96 6.51 -26.54 -7.53
C MET B 96 6.25 -25.48 -8.59
N PRO B 97 5.02 -25.00 -8.75
CA PRO B 97 4.75 -23.98 -9.76
C PRO B 97 5.25 -22.61 -9.33
N GLY B 98 5.37 -21.73 -10.32
CA GLY B 98 5.64 -20.34 -10.04
C GLY B 98 7.09 -19.97 -9.80
N THR B 99 8.04 -20.88 -10.00
CA THR B 99 9.44 -20.53 -9.75
C THR B 99 9.87 -19.43 -10.72
N SER B 100 10.68 -18.50 -10.22
CA SER B 100 11.09 -17.33 -10.99
C SER B 100 12.39 -16.75 -10.41
N GLN B 101 13.44 -17.56 -10.31
CA GLN B 101 14.67 -17.15 -9.64
C GLN B 101 15.20 -15.84 -10.21
N ARG B 102 15.41 -14.88 -9.33
CA ARG B 102 15.98 -13.57 -9.64
C ARG B 102 17.35 -13.45 -8.99
N ASP B 103 18.09 -12.40 -9.40
CA ASP B 103 19.45 -12.22 -8.89
C ASP B 103 19.47 -11.68 -7.47
N ILE B 104 18.59 -10.72 -7.17
CA ILE B 104 18.74 -9.85 -6.00
C ILE B 104 17.39 -9.62 -5.35
N LEU B 105 17.38 -9.61 -4.03
CA LEU B 105 16.21 -9.23 -3.24
C LEU B 105 16.61 -8.08 -2.32
N ILE B 106 15.78 -7.06 -2.27
CA ILE B 106 15.85 -6.05 -1.22
C ILE B 106 14.57 -6.15 -0.42
N HIS B 107 14.69 -6.36 0.88
CA HIS B 107 13.55 -6.52 1.78
C HIS B 107 13.68 -5.47 2.87
N ILE B 108 12.65 -4.63 3.02
CA ILE B 108 12.68 -3.54 3.97
C ILE B 108 11.44 -3.66 4.86
N ILE B 109 11.62 -3.56 6.19
CA ILE B 109 10.49 -3.67 7.10
C ILE B 109 10.42 -2.43 7.97
N SER B 110 9.20 -2.11 8.44
CA SER B 110 9.01 -0.91 9.25
C SER B 110 7.67 -1.02 9.96
N ASP B 111 7.54 -0.25 11.04
CA ASP B 111 6.24 0.00 11.62
C ASP B 111 5.56 1.24 11.06
N ARG B 112 6.18 1.91 10.08
CA ARG B 112 5.56 3.04 9.40
C ARG B 112 5.78 2.90 7.91
N MET B 113 4.73 3.11 7.12
CA MET B 113 4.94 3.10 5.68
C MET B 113 5.82 4.24 5.20
N ASP B 114 5.77 5.42 5.85
CA ASP B 114 6.53 6.53 5.26
C ASP B 114 8.02 6.26 5.28
N THR B 115 8.54 5.66 6.37
CA THR B 115 9.98 5.37 6.38
C THR B 115 10.33 4.13 5.58
N CYS B 116 9.45 3.13 5.58
CA CYS B 116 9.60 1.98 4.68
C CYS B 116 9.76 2.46 3.23
N PHE B 117 8.81 3.27 2.77
CA PHE B 117 8.84 3.79 1.41
C PHE B 117 10.05 4.69 1.16
N LYS B 118 10.40 5.54 2.13
CA LYS B 118 11.55 6.42 1.95
C LYS B 118 12.82 5.63 1.68
N LEU B 119 13.08 4.60 2.50
CA LEU B 119 14.29 3.82 2.29
C LEU B 119 14.24 3.09 0.95
N ALA B 120 13.10 2.48 0.62
CA ALA B 120 12.99 1.77 -0.65
C ALA B 120 13.17 2.72 -1.82
N GLN B 121 12.53 3.89 -1.78
CA GLN B 121 12.64 4.83 -2.89
C GLN B 121 14.06 5.36 -3.04
N ASP B 122 14.67 5.80 -1.94
CA ASP B 122 16.04 6.31 -1.99
C ASP B 122 17.00 5.24 -2.51
N THR B 123 16.79 3.99 -2.10
CA THR B 123 17.67 2.92 -2.53
C THR B 123 17.52 2.64 -4.01
N MET B 124 16.27 2.61 -4.51
CA MET B 124 16.08 2.37 -5.93
C MET B 124 16.62 3.53 -6.77
N ARG B 125 16.55 4.76 -6.26
CA ARG B 125 17.13 5.89 -6.98
C ARG B 125 18.65 5.79 -7.04
N ASN B 126 19.28 5.31 -5.96
CA ASN B 126 20.74 5.15 -5.98
C ASN B 126 21.18 4.08 -6.99
N PHE B 127 20.61 2.88 -6.91
CA PHE B 127 20.99 1.83 -7.86
C PHE B 127 20.59 2.22 -9.27
N GLY B 128 19.34 2.65 -9.46
CA GLY B 128 18.86 3.09 -10.75
C GLY B 128 18.55 1.94 -11.70
N GLU B 129 17.85 2.30 -12.78
CA GLU B 129 17.45 1.32 -13.78
C GLU B 129 18.63 0.74 -14.54
N ASP B 130 19.79 1.41 -14.55
CA ASP B 130 20.92 0.87 -15.26
C ASP B 130 21.63 -0.23 -14.49
N GLN B 131 21.38 -0.36 -13.19
CA GLN B 131 21.99 -1.42 -12.41
C GLN B 131 21.04 -2.55 -12.05
N LEU B 132 19.76 -2.24 -11.83
CA LEU B 132 18.78 -3.22 -11.36
C LEU B 132 17.58 -3.26 -12.29
N ASP B 133 17.21 -4.44 -12.73
CA ASP B 133 16.01 -4.65 -13.54
C ASP B 133 14.98 -5.29 -12.62
N ILE B 134 14.12 -4.46 -12.03
CA ILE B 134 13.18 -4.93 -11.00
C ILE B 134 12.02 -5.67 -11.67
N LYS B 135 11.80 -6.91 -11.25
CA LYS B 135 10.73 -7.72 -11.80
C LYS B 135 9.47 -7.70 -10.96
N GLN B 136 9.59 -7.38 -9.68
CA GLN B 136 8.45 -7.41 -8.78
C GLN B 136 8.67 -6.42 -7.66
N GLU B 137 7.66 -5.60 -7.36
CA GLU B 137 7.69 -4.70 -6.21
C GLU B 137 6.38 -4.88 -5.46
N ILE B 138 6.44 -5.36 -4.22
CA ILE B 138 5.27 -5.69 -3.43
C ILE B 138 5.26 -4.83 -2.17
N HIS B 139 4.12 -4.21 -1.88
CA HIS B 139 3.92 -3.46 -0.65
C HIS B 139 3.09 -4.32 0.28
N GLY B 140 3.75 -4.93 1.26
CA GLY B 140 3.05 -5.75 2.24
C GLY B 140 2.61 -4.94 3.44
N PHE B 141 1.51 -5.36 4.06
CA PHE B 141 1.03 -4.68 5.26
C PHE B 141 0.39 -5.69 6.20
N ARG B 142 0.63 -5.51 7.50
CA ARG B 142 0.00 -6.33 8.52
C ARG B 142 -1.48 -5.96 8.66
N ARG B 143 -2.34 -6.96 8.85
CA ARG B 143 -3.75 -6.72 9.07
C ARG B 143 -4.09 -6.80 10.56
N VAL B 144 -5.30 -6.37 10.89
CA VAL B 144 -5.79 -6.44 12.27
C VAL B 144 -5.66 -7.88 12.77
N GLU B 145 -5.18 -8.03 14.01
CA GLU B 145 -4.95 -9.31 14.68
C GLU B 145 -3.93 -10.20 13.95
N GLU B 146 -3.11 -9.60 13.08
CA GLU B 146 -2.08 -10.32 12.35
C GLU B 146 -2.65 -11.47 11.50
N ARG B 147 -3.85 -11.31 10.98
CA ARG B 147 -4.48 -12.36 10.18
C ARG B 147 -4.05 -12.27 8.72
N ASP B 148 -3.70 -13.43 8.15
CA ASP B 148 -3.63 -13.61 6.70
C ASP B 148 -5.01 -13.34 6.09
N LEU B 149 -5.05 -13.11 4.77
CA LEU B 149 -6.34 -12.86 4.11
C LEU B 149 -7.27 -14.06 4.12
N THR B 150 -6.79 -15.26 4.47
CA THR B 150 -7.71 -16.34 4.83
C THR B 150 -8.45 -16.07 6.13
N ASP B 151 -8.03 -15.03 6.85
CA ASP B 151 -8.56 -14.62 8.14
C ASP B 151 -8.17 -15.57 9.27
N PHE B 152 -7.15 -16.40 9.05
CA PHE B 152 -6.48 -17.09 10.14
C PHE B 152 -5.27 -16.27 10.59
N ILE B 153 -5.02 -16.27 11.90
CA ILE B 153 -3.82 -15.63 12.44
C ILE B 153 -2.59 -16.31 11.88
N ASP B 154 -1.64 -15.51 11.40
CA ASP B 154 -0.39 -16.00 10.84
C ASP B 154 0.73 -15.58 11.78
N GLY B 155 1.46 -16.55 12.31
CA GLY B 155 2.61 -16.27 13.16
C GLY B 155 2.64 -17.00 14.50
N THR B 156 1.58 -17.74 14.81
CA THR B 156 1.46 -18.35 16.14
C THR B 156 2.69 -19.17 16.53
N GLU B 157 3.19 -20.00 15.62
CA GLU B 157 4.35 -20.84 15.94
C GLU B 157 5.65 -20.33 15.33
N ASN B 158 5.67 -19.08 14.87
CA ASN B 158 6.92 -18.45 14.46
C ASN B 158 7.85 -18.36 15.67
N PRO B 159 9.11 -18.75 15.56
CA PRO B 159 10.06 -18.60 16.67
C PRO B 159 10.03 -17.19 17.25
N ASP B 160 9.99 -17.12 18.58
CA ASP B 160 9.89 -15.88 19.33
C ASP B 160 11.24 -15.53 19.95
N GLY B 161 11.66 -14.28 19.83
CA GLY B 161 12.78 -13.77 20.60
C GLY B 161 14.12 -13.93 19.89
N ASP B 162 15.09 -13.17 20.38
CA ASP B 162 16.39 -13.09 19.72
C ASP B 162 17.11 -14.43 19.73
N GLU B 163 17.02 -15.18 20.84
CA GLU B 163 17.77 -16.43 20.93
C GLU B 163 17.26 -17.46 19.92
N LEU B 164 15.96 -17.69 19.89
CA LEU B 164 15.41 -18.70 18.99
C LEU B 164 15.51 -18.26 17.54
N ARG B 165 15.33 -16.97 17.27
CA ARG B 165 15.41 -16.53 15.89
C ARG B 165 16.85 -16.52 15.39
N THR B 166 17.83 -16.32 16.28
CA THR B 166 19.22 -16.54 15.90
C THR B 166 19.51 -18.01 15.64
N GLN B 167 19.01 -18.91 16.51
CA GLN B 167 19.26 -20.33 16.32
C GLN B 167 18.69 -20.83 15.00
N TYR B 168 17.42 -20.50 14.72
CA TYR B 168 16.77 -21.03 13.52
C TYR B 168 16.93 -20.15 12.30
N GLY B 169 17.24 -18.85 12.48
CA GLY B 169 17.24 -17.93 11.35
C GLY B 169 18.59 -17.60 10.75
N LEU B 170 19.68 -17.81 11.49
CA LEU B 170 21.01 -17.34 11.09
C LEU B 170 22.01 -18.49 11.09
N VAL B 171 22.96 -18.44 10.15
CA VAL B 171 24.06 -19.40 10.13
C VAL B 171 24.86 -19.31 11.42
N ALA B 172 25.14 -20.46 12.03
CA ALA B 172 25.75 -20.51 13.35
C ALA B 172 27.14 -19.87 13.35
N ALA B 173 27.48 -19.26 14.49
CA ALA B 173 28.82 -18.75 14.70
C ALA B 173 29.85 -19.86 14.50
N GLY B 174 30.98 -19.49 13.91
CA GLY B 174 32.03 -20.45 13.62
C GLY B 174 31.90 -21.14 12.27
N GLN B 175 30.74 -21.07 11.64
CA GLN B 175 30.54 -21.68 10.33
C GLN B 175 30.89 -20.69 9.23
N PRO B 176 31.20 -21.19 8.03
CA PRO B 176 31.34 -20.28 6.88
C PRO B 176 30.08 -19.47 6.69
N ASN B 177 30.26 -18.17 6.40
CA ASN B 177 29.16 -17.22 6.22
C ASN B 177 28.33 -17.06 7.48
N GLU B 178 28.96 -17.16 8.65
CA GLU B 178 28.25 -17.04 9.93
C GLU B 178 27.45 -15.74 9.97
N PHE B 179 26.25 -15.82 10.56
CA PHE B 179 25.33 -14.71 10.75
C PHE B 179 24.71 -14.21 9.46
N GLY B 180 24.90 -14.93 8.36
CA GLY B 180 24.04 -14.75 7.20
C GLY B 180 22.78 -15.58 7.36
N SER B 181 21.93 -15.54 6.32
CA SER B 181 20.69 -16.30 6.38
C SER B 181 20.26 -16.70 4.98
N TYR B 182 19.79 -17.95 4.84
CA TYR B 182 19.15 -18.38 3.60
C TYR B 182 17.75 -17.79 3.54
N VAL B 183 17.34 -17.36 2.35
CA VAL B 183 16.08 -16.64 2.16
C VAL B 183 15.26 -17.32 1.07
N PHE B 184 13.97 -17.45 1.31
CA PHE B 184 13.01 -17.91 0.30
C PHE B 184 11.86 -16.93 0.22
N THR B 185 11.57 -16.43 -0.99
CA THR B 185 10.40 -15.60 -1.24
C THR B 185 9.45 -16.32 -2.19
N GLN B 186 8.15 -16.09 -2.01
CA GLN B 186 7.15 -16.75 -2.85
C GLN B 186 5.85 -15.96 -2.74
N ARG B 187 5.42 -15.33 -3.83
CA ARG B 187 4.17 -14.57 -3.79
C ARG B 187 3.01 -15.50 -4.10
N TYR B 188 2.00 -15.51 -3.21
CA TYR B 188 0.80 -16.30 -3.37
C TYR B 188 -0.36 -15.41 -3.76
N VAL B 189 -1.21 -15.90 -4.66
CA VAL B 189 -2.47 -15.25 -5.01
C VAL B 189 -3.61 -16.10 -4.47
N HIS B 190 -4.39 -15.52 -3.56
CA HIS B 190 -5.47 -16.24 -2.88
C HIS B 190 -6.72 -16.25 -3.74
N ASN B 191 -7.43 -17.38 -3.75
CA ASN B 191 -8.75 -17.46 -4.37
C ASN B 191 -9.80 -17.38 -3.27
N LEU B 192 -10.13 -16.15 -2.89
CA LEU B 192 -11.02 -15.97 -1.75
C LEU B 192 -12.48 -16.22 -2.11
N LYS B 193 -12.84 -16.04 -3.38
CA LYS B 193 -14.18 -16.46 -3.82
C LYS B 193 -14.41 -17.94 -3.54
N LYS B 194 -13.35 -18.75 -3.62
CA LYS B 194 -13.47 -20.18 -3.34
C LYS B 194 -13.41 -20.47 -1.84
N TRP B 195 -12.64 -19.68 -1.09
CA TRP B 195 -12.38 -19.96 0.33
C TRP B 195 -13.51 -19.47 1.22
N TYR B 196 -13.99 -18.25 0.98
CA TYR B 196 -15.02 -17.65 1.85
C TYR B 196 -16.23 -18.55 2.06
N PRO B 197 -16.81 -19.17 1.02
CA PRO B 197 -18.00 -20.01 1.26
C PRO B 197 -17.72 -21.30 2.00
N GLU B 198 -16.46 -21.68 2.22
CA GLU B 198 -16.21 -22.98 2.83
C GLU B 198 -16.72 -22.99 4.27
N PRO B 199 -17.31 -24.09 4.72
CA PRO B 199 -17.68 -24.21 6.14
C PRO B 199 -16.46 -24.06 7.02
N LEU B 200 -16.70 -23.62 8.26
CA LEU B 200 -15.60 -23.43 9.21
C LEU B 200 -14.80 -24.72 9.44
N SER B 201 -15.50 -25.87 9.48
CA SER B 201 -14.76 -27.12 9.71
C SER B 201 -13.79 -27.40 8.58
N VAL B 202 -14.19 -27.08 7.35
CA VAL B 202 -13.30 -27.23 6.20
C VAL B 202 -12.11 -26.28 6.32
N GLN B 203 -12.36 -25.03 6.70
CA GLN B 203 -11.25 -24.08 6.82
C GLN B 203 -10.28 -24.52 7.92
N GLN B 204 -10.80 -24.97 9.06
CA GLN B 204 -9.92 -25.38 10.15
C GLN B 204 -9.17 -26.66 9.83
N ASP B 205 -9.82 -27.61 9.13
CA ASP B 205 -9.11 -28.80 8.62
C ASP B 205 -7.97 -28.39 7.68
N THR B 206 -8.20 -27.37 6.86
CA THR B 206 -7.21 -26.97 5.86
C THR B 206 -5.95 -26.43 6.54
N VAL B 207 -6.13 -25.53 7.51
CA VAL B 207 -4.98 -24.89 8.17
C VAL B 207 -4.42 -25.80 9.25
N GLY B 208 -5.29 -26.37 10.07
CA GLY B 208 -4.89 -27.19 11.20
C GLY B 208 -4.90 -26.50 12.54
N ARG B 209 -5.45 -25.28 12.63
CA ARG B 209 -5.65 -24.55 13.87
C ARG B 209 -7.07 -23.96 13.84
N THR B 210 -7.58 -23.55 15.00
CA THR B 210 -8.89 -22.92 15.00
C THR B 210 -8.78 -21.49 14.46
N LYS B 211 -9.87 -21.02 13.86
CA LYS B 211 -9.86 -19.72 13.18
C LYS B 211 -9.82 -18.59 14.19
N LYS B 212 -10.68 -18.64 15.21
CA LYS B 212 -10.82 -17.51 16.12
C LYS B 212 -9.54 -17.28 16.92
N ASP B 213 -9.00 -18.32 17.57
CA ASP B 213 -7.91 -18.16 18.53
C ASP B 213 -6.61 -18.84 18.12
N SER B 214 -6.54 -19.50 16.98
CA SER B 214 -5.34 -20.20 16.55
C SER B 214 -4.92 -21.26 17.58
N ILE B 215 -5.89 -21.98 18.11
CA ILE B 215 -5.59 -23.15 18.94
C ILE B 215 -5.30 -24.32 18.03
N GLU B 216 -4.23 -25.05 18.30
CA GLU B 216 -3.87 -26.19 17.46
C GLU B 216 -4.98 -27.25 17.48
N ILE B 217 -5.39 -27.70 16.30
CA ILE B 217 -6.28 -28.88 16.27
C ILE B 217 -5.48 -30.12 16.66
N PRO B 218 -5.94 -30.93 17.60
CA PRO B 218 -5.16 -32.13 17.99
C PRO B 218 -4.79 -32.96 16.78
N ARG B 219 -3.57 -33.53 16.80
CA ARG B 219 -3.03 -34.22 15.64
C ARG B 219 -3.96 -35.30 15.11
N ASP B 220 -4.62 -36.03 16.00
CA ASP B 220 -5.44 -37.16 15.56
C ASP B 220 -6.80 -36.73 15.01
N LYS B 221 -7.11 -35.43 15.08
CA LYS B 221 -8.33 -34.92 14.49
C LYS B 221 -8.07 -34.05 13.27
N ARG B 222 -6.82 -33.76 12.96
CA ARG B 222 -6.62 -32.94 11.78
C ARG B 222 -5.96 -33.75 10.68
N PRO B 223 -6.30 -33.47 9.42
CA PRO B 223 -5.72 -34.25 8.32
C PRO B 223 -4.20 -34.12 8.25
N ILE B 224 -3.55 -35.19 7.80
CA ILE B 224 -2.11 -35.18 7.60
C ILE B 224 -1.70 -34.21 6.50
N THR B 225 -2.66 -33.75 5.70
CA THR B 225 -2.45 -32.76 4.66
C THR B 225 -2.80 -31.35 5.11
N SER B 226 -3.20 -31.16 6.36
CA SER B 226 -3.39 -29.82 6.88
C SER B 226 -2.08 -29.05 6.77
N HIS B 227 -2.19 -27.73 6.65
CA HIS B 227 -0.99 -26.92 6.46
C HIS B 227 0.01 -27.11 7.60
N VAL B 228 -0.47 -27.06 8.85
CA VAL B 228 0.49 -27.21 9.94
C VAL B 228 1.06 -28.63 9.99
N SER B 229 0.26 -29.65 9.65
CA SER B 229 0.85 -30.99 9.55
C SER B 229 1.92 -31.05 8.46
N ARG B 230 1.75 -30.29 7.36
CA ARG B 230 2.74 -30.32 6.29
C ARG B 230 4.03 -29.61 6.67
N THR B 231 3.97 -28.56 7.49
CA THR B 231 5.12 -27.70 7.71
C THR B 231 5.81 -27.90 9.06
N ASP B 232 5.20 -28.62 9.99
CA ASP B 232 5.83 -28.87 11.29
C ASP B 232 6.61 -30.17 11.16
N LEU B 233 7.88 -30.06 10.76
CA LEU B 233 8.71 -31.20 10.41
C LEU B 233 9.91 -31.33 11.34
N SER B 234 10.38 -32.56 11.48
CA SER B 234 11.53 -32.91 12.32
C SER B 234 12.46 -33.85 11.57
N GLU B 235 13.72 -33.84 11.98
CA GLU B 235 14.72 -34.78 11.48
C GLU B 235 15.68 -35.09 12.61
N ASN B 236 15.85 -36.38 12.90
CA ASN B 236 16.73 -36.82 13.98
C ASN B 236 16.40 -36.12 15.29
N GLY B 237 15.11 -35.92 15.54
CA GLY B 237 14.65 -35.25 16.73
C GLY B 237 14.83 -33.74 16.76
N LYS B 238 15.32 -33.15 15.67
CA LYS B 238 15.54 -31.71 15.58
C LYS B 238 14.43 -31.11 14.71
N ASP B 239 13.78 -30.06 15.22
CA ASP B 239 12.71 -29.40 14.47
C ASP B 239 13.29 -28.55 13.35
N LEU B 240 12.68 -28.63 12.17
CA LEU B 240 13.14 -27.83 11.02
C LEU B 240 12.44 -26.47 11.00
N LYS B 241 12.68 -25.69 12.05
CA LYS B 241 11.98 -24.40 12.15
C LYS B 241 12.61 -23.36 11.23
N ILE B 242 11.80 -22.37 10.85
CA ILE B 242 12.23 -21.25 10.02
C ILE B 242 11.69 -19.96 10.64
N VAL B 243 12.22 -18.83 10.19
CA VAL B 243 11.77 -17.53 10.65
C VAL B 243 10.99 -16.86 9.51
N ARG B 244 9.66 -16.80 9.63
CA ARG B 244 8.82 -16.20 8.59
C ARG B 244 8.63 -14.71 8.85
N GLN B 245 8.66 -13.91 7.76
CA GLN B 245 8.34 -12.48 7.81
C GLN B 245 7.27 -12.12 6.79
N SER B 246 6.40 -13.08 6.45
CA SER B 246 5.39 -12.89 5.42
C SER B 246 4.37 -11.82 5.79
N LEU B 247 3.81 -11.16 4.77
CA LEU B 247 2.80 -10.12 4.96
C LEU B 247 1.73 -10.23 3.89
N PRO B 248 0.48 -9.95 4.24
CA PRO B 248 -0.56 -9.74 3.23
C PRO B 248 -0.19 -8.62 2.26
N TYR B 249 -0.78 -8.68 1.07
CA TYR B 249 -0.65 -7.60 0.08
C TYR B 249 -1.90 -7.62 -0.80
N GLY B 250 -2.15 -6.51 -1.48
CA GLY B 250 -3.04 -6.53 -2.64
C GLY B 250 -4.25 -5.66 -2.45
N GLN B 251 -5.19 -5.79 -3.39
CA GLN B 251 -6.38 -4.95 -3.47
C GLN B 251 -7.60 -5.75 -3.03
N ILE B 252 -8.45 -5.11 -2.23
CA ILE B 252 -9.71 -5.73 -1.80
C ILE B 252 -10.50 -6.21 -3.01
N THR B 253 -10.55 -5.39 -4.05
CA THR B 253 -11.36 -5.66 -5.23
C THR B 253 -10.55 -6.21 -6.38
N GLY B 254 -9.32 -6.65 -6.13
CA GLY B 254 -8.46 -7.17 -7.17
C GLY B 254 -7.62 -8.34 -6.73
N GLU B 255 -6.41 -8.43 -7.23
CA GLU B 255 -5.52 -9.53 -6.88
C GLU B 255 -4.94 -9.29 -5.49
N LYS B 256 -4.95 -10.33 -4.67
CA LYS B 256 -4.44 -10.21 -3.31
C LYS B 256 -3.96 -11.58 -2.85
N GLY B 257 -3.14 -11.58 -1.80
CA GLY B 257 -2.71 -12.85 -1.23
C GLY B 257 -1.69 -12.65 -0.13
N LEU B 258 -0.70 -13.53 -0.08
CA LEU B 258 0.36 -13.49 0.91
C LEU B 258 1.71 -13.37 0.20
N MET B 259 2.50 -12.38 0.61
CA MET B 259 3.90 -12.31 0.18
C MET B 259 4.69 -13.13 1.18
N PHE B 260 4.96 -14.38 0.84
CA PHE B 260 5.67 -15.27 1.76
C PHE B 260 7.17 -14.99 1.72
N ILE B 261 7.80 -14.90 2.89
CA ILE B 261 9.26 -14.85 2.98
C ILE B 261 9.69 -15.57 4.24
N ALA B 262 10.75 -16.36 4.12
CA ALA B 262 11.32 -17.09 5.25
C ALA B 262 12.82 -16.95 5.26
N TYR B 263 13.38 -16.82 6.46
CA TYR B 263 14.81 -16.79 6.72
C TYR B 263 15.19 -18.05 7.48
N ALA B 264 16.34 -18.65 7.16
CA ALA B 264 16.69 -19.90 7.84
C ALA B 264 18.20 -20.08 7.92
N CYS B 265 18.62 -20.74 9.01
CA CYS B 265 20.04 -21.06 9.18
C CYS B 265 20.52 -22.04 8.13
N SER B 266 19.62 -22.82 7.53
CA SER B 266 19.98 -23.82 6.53
C SER B 266 18.86 -23.87 5.50
N LEU B 267 19.23 -23.84 4.21
CA LEU B 267 18.22 -23.90 3.15
C LEU B 267 17.41 -25.19 3.24
N HIS B 268 18.02 -26.26 3.77
CA HIS B 268 17.35 -27.54 3.89
C HIS B 268 16.04 -27.41 4.68
N ASN B 269 16.03 -26.57 5.72
CA ASN B 269 14.84 -26.44 6.55
C ASN B 269 13.66 -25.91 5.73
N ILE B 270 13.95 -25.03 4.78
CA ILE B 270 12.91 -24.50 3.91
C ILE B 270 12.54 -25.52 2.84
N GLU B 271 13.54 -26.10 2.21
CA GLU B 271 13.27 -26.97 1.06
C GLU B 271 12.50 -28.22 1.47
N LYS B 272 12.77 -28.76 2.66
CA LYS B 272 12.02 -29.95 3.07
C LYS B 272 10.55 -29.64 3.29
N GLN B 273 10.24 -28.42 3.77
CA GLN B 273 8.84 -28.02 3.89
C GLN B 273 8.18 -27.87 2.53
N LEU B 274 8.91 -27.35 1.54
CA LEU B 274 8.38 -27.27 0.18
C LEU B 274 8.16 -28.66 -0.41
N GLN B 275 9.09 -29.59 -0.18
CA GLN B 275 8.85 -30.97 -0.63
C GLN B 275 7.60 -31.54 0.02
N SER B 276 7.39 -31.23 1.30
CA SER B 276 6.21 -31.74 2.00
C SER B 276 4.93 -31.12 1.45
N MET B 277 4.89 -29.80 1.33
CA MET B 277 3.67 -29.13 0.86
C MET B 277 3.33 -29.50 -0.58
N PHE B 278 4.34 -29.72 -1.42
CA PHE B 278 4.11 -29.87 -2.84
C PHE B 278 4.24 -31.31 -3.31
N GLY B 279 4.09 -32.28 -2.40
CA GLY B 279 3.85 -33.66 -2.75
C GLY B 279 5.07 -34.53 -2.97
N GLN B 280 6.28 -34.04 -2.68
CA GLN B 280 7.48 -34.81 -2.96
C GLN B 280 7.85 -35.77 -1.83
N LEU B 281 7.33 -35.56 -0.62
CA LEU B 281 7.71 -36.43 0.49
C LEU B 281 6.86 -37.70 0.54
N ASP B 282 5.55 -37.56 0.39
CA ASP B 282 4.66 -38.71 0.53
C ASP B 282 3.57 -38.73 -0.53
N GLY B 283 3.72 -37.96 -1.60
CA GLY B 283 2.75 -37.93 -2.67
C GLY B 283 1.55 -37.03 -2.42
N LYS B 284 1.43 -36.46 -1.22
CA LYS B 284 0.26 -35.67 -0.87
C LYS B 284 0.62 -34.19 -0.77
N HIS B 285 -0.35 -33.35 -1.13
CA HIS B 285 -0.19 -31.91 -1.17
C HIS B 285 -0.89 -31.25 0.01
N ASP B 286 -0.35 -30.09 0.40
CA ASP B 286 -0.99 -29.20 1.36
C ASP B 286 -2.41 -28.83 0.92
N LEU B 287 -3.38 -28.99 1.83
CA LEU B 287 -4.76 -28.59 1.53
C LEU B 287 -4.88 -27.10 1.21
N LEU B 288 -3.96 -26.28 1.74
CA LEU B 288 -4.05 -24.84 1.49
C LEU B 288 -3.94 -24.53 0.01
N LEU B 289 -3.23 -25.38 -0.75
CA LEU B 289 -3.02 -25.16 -2.17
C LEU B 289 -4.29 -25.32 -3.00
N LYS B 290 -5.38 -25.79 -2.40
CA LYS B 290 -6.65 -25.75 -3.12
C LYS B 290 -7.22 -24.35 -3.22
N TYR B 291 -6.72 -23.40 -2.42
CA TYR B 291 -7.30 -22.07 -2.31
C TYR B 291 -6.33 -20.95 -2.66
N THR B 292 -5.07 -21.26 -2.90
CA THR B 292 -4.07 -20.25 -3.17
C THR B 292 -3.02 -20.86 -4.10
N THR B 293 -2.33 -19.97 -4.84
CA THR B 293 -1.38 -20.41 -5.87
C THR B 293 -0.12 -19.57 -5.80
N PRO B 294 1.07 -20.18 -5.77
CA PRO B 294 2.30 -19.41 -5.82
C PRO B 294 2.60 -19.01 -7.27
N VAL B 295 2.93 -17.73 -7.47
CA VAL B 295 3.16 -17.21 -8.81
C VAL B 295 4.55 -16.63 -9.00
N THR B 296 5.34 -16.48 -7.93
CA THR B 296 6.76 -16.18 -8.01
C THR B 296 7.49 -17.10 -7.04
N GLY B 297 8.82 -17.14 -7.14
CA GLY B 297 9.63 -17.90 -6.21
C GLY B 297 11.12 -17.69 -6.44
N SER B 298 11.91 -17.57 -5.36
CA SER B 298 13.35 -17.34 -5.46
C SER B 298 14.05 -17.76 -4.17
N PHE B 299 15.26 -18.30 -4.30
CA PHE B 299 16.18 -18.55 -3.20
C PHE B 299 17.28 -17.48 -3.20
N TYR B 300 17.69 -17.04 -2.00
CA TYR B 300 18.76 -16.05 -1.89
C TYR B 300 19.57 -16.35 -0.63
N PHE B 301 20.71 -15.66 -0.49
CA PHE B 301 21.41 -15.63 0.78
C PHE B 301 21.62 -14.18 1.19
N ALA B 302 21.22 -13.85 2.41
CA ALA B 302 21.47 -12.53 2.97
C ALA B 302 22.76 -12.61 3.77
N PRO B 303 23.87 -12.01 3.31
CA PRO B 303 25.12 -12.11 4.07
C PRO B 303 25.00 -11.40 5.42
N SER B 304 25.90 -11.78 6.33
CA SER B 304 26.12 -10.96 7.52
C SER B 304 26.47 -9.54 7.11
N LYS B 305 26.32 -8.60 8.04
CA LYS B 305 26.63 -7.21 7.71
C LYS B 305 28.09 -7.06 7.29
N LYS B 306 29.00 -7.76 7.96
CA LYS B 306 30.42 -7.67 7.60
C LYS B 306 30.67 -8.20 6.19
N GLU B 307 30.12 -9.38 5.87
CA GLU B 307 30.34 -9.94 4.54
C GLU B 307 29.63 -9.13 3.47
N LEU B 308 28.47 -8.54 3.79
CA LEU B 308 27.82 -7.65 2.83
C LEU B 308 28.75 -6.51 2.44
N LEU B 309 29.43 -5.92 3.43
CA LEU B 309 30.30 -4.78 3.16
C LEU B 309 31.66 -5.17 2.59
N GLU B 310 31.99 -6.46 2.58
CA GLU B 310 33.28 -6.92 2.08
C GLU B 310 33.20 -7.74 0.80
N LEU B 311 32.04 -7.77 0.14
CA LEU B 311 31.90 -8.49 -1.14
C LEU B 311 32.99 -8.10 -2.15
CHA HEM C . -1.22 23.98 -3.21
CHB HEM C . 0.80 20.02 -5.21
CHC HEM C . -3.26 19.34 -7.87
CHD HEM C . -5.43 22.91 -5.41
C1A HEM C . -0.35 22.98 -3.57
C2A HEM C . 1.00 22.93 -3.14
C3A HEM C . 1.56 21.82 -3.70
C4A HEM C . 0.56 21.16 -4.47
CMA HEM C . 2.99 21.35 -3.52
CAA HEM C . 1.69 23.94 -2.24
CBA HEM C . 1.58 23.62 -0.73
CGA HEM C . 0.19 23.84 -0.21
O1A HEM C . -0.22 24.99 0.08
O2A HEM C . -0.58 22.86 -0.05
C1B HEM C . -0.15 19.52 -6.12
C2B HEM C . 0.11 18.39 -6.97
C3B HEM C . -1.04 18.20 -7.72
C4B HEM C . -1.98 19.25 -7.29
CMB HEM C . 1.40 17.60 -6.99
CAB HEM C . -1.36 17.20 -8.75
CBB HEM C . -0.43 16.59 -9.48
C1C HEM C . -4.23 20.23 -7.43
C2C HEM C . -5.53 20.38 -7.95
C3C HEM C . -6.15 21.40 -7.23
C4C HEM C . -5.19 21.89 -6.30
CMC HEM C . -6.12 19.52 -9.06
CAC HEM C . -7.53 21.98 -7.39
CBC HEM C . -8.59 21.32 -7.84
C1D HEM C . -4.41 23.44 -4.61
C2D HEM C . -4.69 24.59 -3.74
C3D HEM C . -3.52 24.90 -3.14
C4D HEM C . -2.53 23.94 -3.63
CMD HEM C . -6.02 25.29 -3.56
CAD HEM C . -3.30 26.02 -2.14
CBD HEM C . -3.06 27.32 -2.92
CGD HEM C . -2.97 28.49 -1.97
O1D HEM C . -4.01 29.03 -1.54
O2D HEM C . -1.85 28.93 -1.63
NA HEM C . -0.58 21.92 -4.44
NB HEM C . -1.38 19.98 -6.33
NC HEM C . -4.03 21.18 -6.48
ND HEM C . -3.10 23.05 -4.49
FE HEM C . -2.28 21.64 -5.47
C1 EDO D . -2.93 17.31 2.28
O1 EDO D . -3.52 16.04 1.97
C2 EDO D . -3.01 18.23 1.07
O2 EDO D . -2.78 17.45 -0.12
C1 EDO E . 0.17 0.05 2.84
O1 EDO E . 0.40 -0.78 1.69
C2 EDO E . 0.48 1.49 2.48
O2 EDO E . 0.00 1.76 1.17
C1 EDO F . -25.25 23.33 -1.44
O1 EDO F . -25.03 23.80 -2.77
C2 EDO F . -26.75 23.28 -1.17
O2 EDO F . -27.36 22.23 -1.94
C1 EDO G . -16.25 7.77 13.70
O1 EDO G . -17.31 8.33 14.49
C2 EDO G . -15.44 8.88 13.06
O2 EDO G . -14.97 9.77 14.10
C CYN H . -2.87 19.39 -3.67
N CYN H . -3.34 18.30 -3.00
CHA HEM I . 1.99 -21.88 9.93
CHB HEM I . -0.64 -19.46 6.62
CHC HEM I . 2.67 -20.70 3.21
CHD HEM I . 5.55 -22.51 6.70
C1A HEM I . 1.02 -21.17 9.27
C2A HEM I . -0.19 -20.79 9.90
C3A HEM I . -0.93 -20.12 8.98
C4A HEM I . -0.18 -20.05 7.78
CMA HEM I . -2.31 -19.51 9.17
CAA HEM I . -0.58 -21.13 11.35
CBA HEM I . -0.20 -20.09 12.41
CGA HEM I . 1.29 -20.06 12.61
O1A HEM I . 1.84 -20.88 13.38
O2A HEM I . 1.97 -19.20 12.00
C1B HEM I . 0.04 -19.64 5.41
C2B HEM I . -0.46 -19.14 4.17
C3B HEM I . 0.45 -19.50 3.21
C4B HEM I . 1.54 -20.20 3.90
CMB HEM I . -1.76 -18.39 4.01
CAB HEM I . 0.43 -19.21 1.75
CBB HEM I . -0.69 -19.12 1.04
C1C HEM I . 3.78 -21.30 3.84
C2C HEM I . 4.93 -21.80 3.22
C3C HEM I . 5.75 -22.32 4.23
C4C HEM I . 5.07 -22.13 5.46
CMC HEM I . 5.21 -21.74 1.73
CAC HEM I . 7.07 -22.96 4.12
CBC HEM I . 7.99 -22.67 3.21
C1D HEM I . 4.75 -22.44 7.84
C2D HEM I . 5.29 -22.94 9.11
C3D HEM I . 4.32 -22.78 10.02
C4D HEM I . 3.17 -22.18 9.30
CMD HEM I . 6.67 -23.53 9.33
CAD HEM I . 4.39 -23.16 11.49
CBD HEM I . 4.06 -24.66 11.62
CGD HEM I . 4.19 -25.17 13.05
O1D HEM I . 5.30 -25.50 13.50
O2D HEM I . 3.18 -25.26 13.78
NA HEM I . 1.00 -20.76 7.94
NB HEM I . 1.22 -20.21 5.21
NC HEM I . 3.85 -21.57 5.17
ND HEM I . 3.49 -21.94 8.00
FE HEM I . 2.40 -21.23 6.60
C1 EDO J . 5.13 -13.97 9.20
O1 EDO J . 4.97 -12.56 9.37
C2 EDO J . 4.00 -14.67 9.92
O2 EDO J . 3.91 -14.08 11.23
C1 EDO K . 22.91 -9.57 16.01
O1 EDO K . 22.66 -8.95 14.74
C2 EDO K . 23.06 -11.08 15.82
O2 EDO K . 23.19 -11.71 17.09
C1 EDO L . 29.49 -4.01 -0.83
O1 EDO L . 30.26 -5.20 -0.97
C2 EDO L . 30.36 -2.91 -0.27
O2 EDO L . 29.54 -1.88 0.31
C CYN M . 3.11 -18.38 6.76
N CYN M . 3.71 -17.18 6.55
#